data_4BB7
#
_entry.id   4BB7
#
_cell.length_a   64.090
_cell.length_b   64.070
_cell.length_c   136.840
_cell.angle_alpha   90.00
_cell.angle_beta   95.47
_cell.angle_gamma   90.00
#
_symmetry.space_group_name_H-M   'P 1 21 1'
#
loop_
_entity.id
_entity.type
_entity.pdbx_description
1 polymer 'CHROMATIN STRUCTURE-REMODELING COMPLEX SUBUNIT RSC2'
2 non-polymer 'SULFATE ION'
3 non-polymer 'CHLORIDE ION'
4 non-polymer GLYCEROL
5 water water
#
_entity_poly.entity_id   1
_entity_poly.type   'polypeptide(L)'
_entity_poly.pdbx_seq_one_letter_code
;MHHHHHHLEVLFQGPHMDEVIVNNISYHVGDWALLRNQNDPQKPIVGQIFRLWKTPDGKQWLNACWYYRPEQTVHRVDRL
FYKNEVMKTGQYRDHLVSNLVGKCYVIHFTRYQRGNPDMKLEGPLFVCEFRYNESDKIFNKIRTWKACLPEEIRDLDEAT
IPVNGRKFFKYPSPIRHLLPANATPHDRVPEPTMGSPDAPPLVGAVYMRPKMQRDDLGEYATSDDCPRYIIRPNDSPEEG
QVDIETGTITTNTPTANA
;
_entity_poly.pdbx_strand_id   A,B,C,D
#
# COMPACT_ATOMS: atom_id res chain seq x y z
N HIS A 16 -2.10 -7.10 2.36
CA HIS A 16 -0.81 -6.67 1.87
C HIS A 16 -0.86 -6.51 0.35
N MET A 17 -2.07 -6.62 -0.19
CA MET A 17 -2.30 -6.44 -1.61
C MET A 17 -2.63 -4.98 -1.92
N ASP A 18 -2.41 -4.59 -3.16
CA ASP A 18 -2.71 -3.24 -3.60
C ASP A 18 -4.05 -3.22 -4.31
N GLU A 19 -4.23 -4.15 -5.24
CA GLU A 19 -5.49 -4.28 -5.96
C GLU A 19 -5.86 -5.75 -6.15
N VAL A 20 -7.15 -6.01 -6.31
CA VAL A 20 -7.62 -7.36 -6.59
C VAL A 20 -8.36 -7.37 -7.92
N ILE A 21 -8.04 -8.34 -8.76
CA ILE A 21 -8.70 -8.45 -10.06
C ILE A 21 -9.64 -9.66 -10.13
N VAL A 22 -10.94 -9.37 -10.14
CA VAL A 22 -11.95 -10.42 -10.24
C VAL A 22 -12.80 -10.22 -11.48
N ASN A 23 -12.94 -11.26 -12.28
CA ASN A 23 -13.66 -11.19 -13.54
C ASN A 23 -13.18 -10.03 -14.40
N ASN A 24 -11.88 -9.80 -14.39
CA ASN A 24 -11.24 -8.72 -15.15
C ASN A 24 -11.61 -7.33 -14.62
N ILE A 25 -11.97 -7.26 -13.35
CA ILE A 25 -12.29 -5.99 -12.72
C ILE A 25 -11.39 -5.74 -11.52
N SER A 26 -10.81 -4.55 -11.45
CA SER A 26 -9.91 -4.19 -10.36
C SER A 26 -10.67 -3.63 -9.16
N TYR A 27 -10.35 -4.13 -7.98
CA TYR A 27 -10.96 -3.66 -6.75
C TYR A 27 -9.88 -3.12 -5.82
N HIS A 28 -10.13 -1.96 -5.24
CA HIS A 28 -9.17 -1.33 -4.35
C HIS A 28 -9.83 -0.93 -3.03
N VAL A 29 -9.03 -0.73 -2.00
CA VAL A 29 -9.56 -0.27 -0.73
C VAL A 29 -10.30 1.05 -0.92
N GLY A 30 -11.47 1.16 -0.30
CA GLY A 30 -12.27 2.36 -0.40
C GLY A 30 -13.29 2.23 -1.50
N ASP A 31 -13.24 1.11 -2.21
CA ASP A 31 -14.15 0.83 -3.32
C ASP A 31 -15.50 0.30 -2.84
N TRP A 32 -16.57 0.77 -3.49
CA TRP A 32 -17.90 0.21 -3.26
C TRP A 32 -18.13 -0.95 -4.21
N ALA A 33 -18.58 -2.09 -3.69
CA ALA A 33 -18.82 -3.25 -4.55
C ALA A 33 -19.96 -4.15 -4.07
N LEU A 34 -20.25 -5.16 -4.87
CA LEU A 34 -21.30 -6.12 -4.58
C LEU A 34 -20.68 -7.48 -4.23
N LEU A 35 -21.14 -8.08 -3.15
CA LEU A 35 -20.64 -9.37 -2.72
C LEU A 35 -21.75 -10.41 -2.79
N ARG A 36 -21.40 -11.62 -3.21
CA ARG A 36 -22.37 -12.69 -3.32
C ARG A 36 -23.07 -12.91 -1.98
N ASN A 37 -24.39 -12.84 -1.99
CA ASN A 37 -25.17 -13.04 -0.78
C ASN A 37 -25.78 -14.44 -0.76
N GLN A 38 -25.36 -15.25 0.22
CA GLN A 38 -25.77 -16.64 0.30
C GLN A 38 -27.23 -16.82 0.72
N ASN A 39 -27.90 -15.72 1.04
CA ASN A 39 -29.33 -15.76 1.29
C ASN A 39 -30.14 -15.45 0.03
N ASP A 40 -29.51 -14.77 -0.92
CA ASP A 40 -30.17 -14.40 -2.18
C ASP A 40 -29.13 -14.11 -3.26
N PRO A 41 -28.99 -15.04 -4.23
CA PRO A 41 -27.94 -14.97 -5.25
C PRO A 41 -28.15 -13.86 -6.27
N GLN A 42 -29.26 -13.12 -6.14
CA GLN A 42 -29.56 -12.08 -7.12
C GLN A 42 -29.77 -10.71 -6.44
N LYS A 43 -29.54 -10.67 -5.13
CA LYS A 43 -29.63 -9.41 -4.40
C LYS A 43 -28.38 -9.25 -3.54
N PRO A 44 -27.26 -8.89 -4.17
CA PRO A 44 -25.92 -8.86 -3.58
C PRO A 44 -25.78 -7.96 -2.35
N ILE A 45 -24.89 -8.36 -1.45
CA ILE A 45 -24.51 -7.52 -0.33
C ILE A 45 -23.83 -6.28 -0.85
N VAL A 46 -24.28 -5.11 -0.44
CA VAL A 46 -23.57 -3.89 -0.77
C VAL A 46 -22.52 -3.63 0.31
N GLY A 47 -21.26 -3.47 -0.11
CA GLY A 47 -20.18 -3.25 0.83
C GLY A 47 -19.09 -2.35 0.28
N GLN A 48 -18.22 -1.89 1.17
CA GLN A 48 -17.05 -1.11 0.77
C GLN A 48 -15.78 -1.79 1.26
N ILE A 49 -14.79 -1.91 0.39
CA ILE A 49 -13.55 -2.59 0.73
C ILE A 49 -12.64 -1.80 1.69
N PHE A 50 -12.45 -2.31 2.90
CA PHE A 50 -11.60 -1.65 3.87
C PHE A 50 -10.15 -2.14 3.85
N ARG A 51 -9.94 -3.40 3.46
CA ARG A 51 -8.58 -3.93 3.34
C ARG A 51 -8.54 -5.24 2.56
N LEU A 52 -7.36 -5.53 2.01
CA LEU A 52 -7.14 -6.74 1.22
C LEU A 52 -5.84 -7.40 1.65
N TRP A 53 -5.76 -8.72 1.52
CA TRP A 53 -4.55 -9.44 1.88
C TRP A 53 -4.57 -10.88 1.38
N LYS A 54 -3.41 -11.51 1.38
CA LYS A 54 -3.29 -12.89 0.94
C LYS A 54 -2.90 -13.79 2.11
N THR A 55 -3.56 -14.95 2.20
CA THR A 55 -3.27 -15.90 3.27
C THR A 55 -2.21 -16.90 2.82
N PRO A 56 -1.53 -17.55 3.78
CA PRO A 56 -0.42 -18.46 3.49
C PRO A 56 -0.71 -19.43 2.34
N ASP A 57 -1.96 -19.84 2.18
CA ASP A 57 -2.31 -20.78 1.12
C ASP A 57 -2.42 -20.09 -0.25
N GLY A 58 -2.40 -18.76 -0.25
CA GLY A 58 -2.42 -18.03 -1.50
C GLY A 58 -3.75 -17.38 -1.86
N LYS A 59 -4.84 -17.84 -1.24
CA LYS A 59 -6.14 -17.23 -1.48
C LYS A 59 -6.11 -15.76 -1.10
N GLN A 60 -6.88 -14.95 -1.83
CA GLN A 60 -6.93 -13.52 -1.56
C GLN A 60 -8.22 -13.12 -0.85
N TRP A 61 -8.08 -12.34 0.21
CA TRP A 61 -9.20 -11.96 1.06
C TRP A 61 -9.42 -10.45 1.09
N LEU A 62 -10.57 -10.05 1.63
CA LEU A 62 -10.89 -8.64 1.79
C LEU A 62 -11.76 -8.45 3.02
N ASN A 63 -11.76 -7.24 3.56
CA ASN A 63 -12.66 -6.89 4.65
C ASN A 63 -13.59 -5.75 4.24
N ALA A 64 -14.88 -6.07 4.15
CA ALA A 64 -15.87 -5.09 3.73
C ALA A 64 -16.84 -4.71 4.86
N CYS A 65 -17.24 -3.44 4.88
CA CYS A 65 -18.28 -2.98 5.79
C CYS A 65 -19.64 -3.13 5.12
N TRP A 66 -20.49 -3.97 5.69
CA TRP A 66 -21.79 -4.26 5.11
C TRP A 66 -22.75 -3.08 5.18
N TYR A 67 -23.60 -2.97 4.17
CA TYR A 67 -24.69 -2.01 4.17
C TYR A 67 -25.99 -2.75 3.84
N TYR A 68 -26.95 -2.69 4.75
CA TYR A 68 -28.20 -3.43 4.58
C TYR A 68 -29.16 -2.73 3.62
N ARG A 69 -30.04 -3.52 3.01
CA ARG A 69 -31.17 -2.97 2.26
C ARG A 69 -32.34 -2.95 3.22
N PRO A 70 -33.38 -2.16 2.92
CA PRO A 70 -34.54 -2.01 3.80
C PRO A 70 -35.12 -3.34 4.26
N GLU A 71 -35.37 -4.25 3.31
CA GLU A 71 -35.98 -5.54 3.62
C GLU A 71 -35.14 -6.33 4.61
N GLN A 72 -33.90 -5.90 4.84
CA GLN A 72 -32.98 -6.62 5.70
C GLN A 72 -32.91 -6.05 7.11
N THR A 73 -33.71 -5.01 7.38
CA THR A 73 -33.67 -4.36 8.68
C THR A 73 -34.97 -4.51 9.46
N VAL A 74 -34.90 -4.18 10.75
CA VAL A 74 -36.09 -4.10 11.59
C VAL A 74 -36.48 -2.63 11.73
N HIS A 75 -37.72 -2.31 11.35
CA HIS A 75 -38.17 -0.92 11.37
C HIS A 75 -39.69 -0.80 11.46
N ARG A 76 -40.15 0.36 11.92
CA ARG A 76 -41.57 0.67 11.97
C ARG A 76 -42.22 0.43 10.61
N VAL A 77 -43.39 -0.19 10.63
CA VAL A 77 -44.07 -0.57 9.40
C VAL A 77 -44.35 0.63 8.50
N ASP A 78 -44.35 1.82 9.09
CA ASP A 78 -44.66 3.02 8.32
C ASP A 78 -43.41 3.79 7.90
N ARG A 79 -42.25 3.14 7.98
CA ARG A 79 -41.01 3.77 7.56
C ARG A 79 -40.92 3.88 6.03
N LEU A 80 -40.40 5.01 5.55
CA LEU A 80 -40.23 5.23 4.13
C LEU A 80 -38.76 5.13 3.74
N PHE A 81 -38.51 4.83 2.47
CA PHE A 81 -37.15 4.63 1.97
C PHE A 81 -36.98 5.23 0.59
N TYR A 82 -35.77 5.66 0.26
CA TYR A 82 -35.48 6.11 -1.09
C TYR A 82 -35.36 4.92 -2.01
N LYS A 83 -35.53 5.14 -3.30
CA LYS A 83 -35.25 4.10 -4.28
C LYS A 83 -33.76 3.81 -4.24
N ASN A 84 -33.41 2.55 -3.99
CA ASN A 84 -32.01 2.15 -3.89
C ASN A 84 -31.32 2.62 -2.62
N GLU A 85 -32.08 2.79 -1.54
CA GLU A 85 -31.51 3.20 -0.27
C GLU A 85 -30.82 2.05 0.44
N VAL A 86 -29.68 2.35 1.07
CA VAL A 86 -29.01 1.39 1.94
C VAL A 86 -28.63 2.04 3.27
N MET A 87 -28.44 1.23 4.29
CA MET A 87 -28.02 1.71 5.60
C MET A 87 -26.68 1.10 6.00
N LYS A 88 -25.84 1.87 6.69
CA LYS A 88 -24.54 1.40 7.15
C LYS A 88 -24.67 0.61 8.45
N THR A 89 -23.93 -0.49 8.54
CA THR A 89 -23.97 -1.35 9.73
C THR A 89 -22.62 -1.44 10.42
N GLY A 90 -22.59 -2.17 11.52
CA GLY A 90 -21.36 -2.39 12.26
C GLY A 90 -20.69 -3.68 11.86
N GLN A 91 -21.10 -4.23 10.72
CA GLN A 91 -20.57 -5.51 10.25
C GLN A 91 -19.37 -5.36 9.34
N TYR A 92 -18.18 -5.60 9.89
CA TYR A 92 -16.97 -5.63 9.08
C TYR A 92 -16.54 -7.08 8.89
N ARG A 93 -16.90 -7.65 7.75
CA ARG A 93 -16.72 -9.08 7.51
C ARG A 93 -15.61 -9.37 6.51
N ASP A 94 -15.01 -10.55 6.63
CA ASP A 94 -14.00 -11.00 5.70
C ASP A 94 -14.61 -11.88 4.61
N HIS A 95 -14.22 -11.63 3.37
CA HIS A 95 -14.67 -12.45 2.25
C HIS A 95 -13.49 -12.94 1.41
N LEU A 96 -13.68 -14.08 0.75
CA LEU A 96 -12.81 -14.47 -0.34
C LEU A 96 -13.11 -13.54 -1.51
N VAL A 97 -12.08 -12.97 -2.12
CA VAL A 97 -12.29 -12.00 -3.20
C VAL A 97 -13.07 -12.60 -4.36
N SER A 98 -13.17 -13.93 -4.38
CA SER A 98 -14.00 -14.62 -5.36
C SER A 98 -15.49 -14.31 -5.16
N ASN A 99 -15.83 -13.76 -4.00
CA ASN A 99 -17.21 -13.39 -3.70
C ASN A 99 -17.67 -12.13 -4.45
N LEU A 100 -16.71 -11.27 -4.81
CA LEU A 100 -17.03 -10.05 -5.53
C LEU A 100 -17.73 -10.38 -6.85
N VAL A 101 -18.91 -9.80 -7.05
CA VAL A 101 -19.68 -10.07 -8.26
C VAL A 101 -19.87 -8.83 -9.12
N GLY A 102 -19.35 -7.69 -8.65
CA GLY A 102 -19.43 -6.47 -9.43
C GLY A 102 -19.14 -5.21 -8.63
N LYS A 103 -18.97 -4.10 -9.35
CA LYS A 103 -18.79 -2.80 -8.71
C LYS A 103 -20.13 -2.14 -8.47
N CYS A 104 -20.15 -1.18 -7.55
CA CYS A 104 -21.31 -0.32 -7.37
C CYS A 104 -20.83 1.01 -6.80
N TYR A 105 -21.79 1.85 -6.40
CA TYR A 105 -21.45 3.11 -5.76
C TYR A 105 -22.51 3.53 -4.75
N VAL A 106 -22.09 3.84 -3.53
CA VAL A 106 -22.98 4.36 -2.51
C VAL A 106 -22.68 5.84 -2.27
N ILE A 107 -23.70 6.67 -2.43
CA ILE A 107 -23.55 8.12 -2.23
C ILE A 107 -24.23 8.58 -0.94
N HIS A 108 -23.69 9.64 -0.34
CA HIS A 108 -24.24 10.20 0.89
C HIS A 108 -25.43 11.11 0.60
N PHE A 109 -26.56 10.83 1.25
CA PHE A 109 -27.80 11.56 0.97
C PHE A 109 -27.62 13.06 0.88
N THR A 110 -26.93 13.65 1.86
CA THR A 110 -26.77 15.10 1.88
C THR A 110 -26.08 15.61 0.61
N ARG A 111 -25.16 14.80 0.08
CA ARG A 111 -24.47 15.12 -1.17
C ARG A 111 -25.37 14.92 -2.40
N TYR A 112 -25.95 13.74 -2.54
CA TYR A 112 -26.87 13.45 -3.64
C TYR A 112 -28.02 14.46 -3.62
N GLN A 113 -28.20 15.12 -2.49
CA GLN A 113 -29.27 16.10 -2.31
C GLN A 113 -28.94 17.39 -3.07
N ARG A 114 -27.66 17.74 -3.10
CA ARG A 114 -27.20 18.97 -3.73
C ARG A 114 -26.90 18.79 -5.20
N GLY A 115 -26.47 17.60 -5.58
CA GLY A 115 -26.11 17.33 -6.96
C GLY A 115 -25.78 15.88 -7.23
N ASN A 116 -24.92 15.66 -8.23
CA ASN A 116 -24.55 14.32 -8.65
C ASN A 116 -23.05 14.05 -8.59
N PRO A 117 -22.66 12.79 -8.42
CA PRO A 117 -21.23 12.44 -8.42
C PRO A 117 -20.63 12.72 -9.79
N ASP A 118 -19.42 13.28 -9.81
CA ASP A 118 -18.76 13.57 -11.08
C ASP A 118 -17.82 12.43 -11.46
N MET A 119 -18.40 11.35 -11.98
CA MET A 119 -17.65 10.18 -12.37
C MET A 119 -18.50 9.23 -13.20
N LYS A 120 -17.90 8.14 -13.66
CA LYS A 120 -18.60 7.19 -14.52
C LYS A 120 -19.08 5.96 -13.76
N GLU A 122 -19.00 2.30 -11.09
CA GLU A 122 -19.06 1.51 -12.31
C GLU A 122 -20.20 0.49 -12.26
N GLY A 123 -21.25 0.82 -11.52
CA GLY A 123 -22.38 -0.07 -11.35
C GLY A 123 -23.56 0.63 -10.69
N PRO A 124 -24.48 -0.15 -10.11
CA PRO A 124 -25.73 0.35 -9.53
C PRO A 124 -25.53 1.53 -8.58
N LEU A 125 -26.49 2.45 -8.57
CA LEU A 125 -26.40 3.63 -7.71
C LEU A 125 -27.29 3.51 -6.47
N PHE A 126 -26.66 3.39 -5.30
CA PHE A 126 -27.39 3.38 -4.04
C PHE A 126 -27.13 4.67 -3.29
N VAL A 127 -28.03 5.03 -2.38
CA VAL A 127 -27.82 6.20 -1.54
C VAL A 127 -27.97 5.83 -0.07
N CYS A 128 -27.16 6.45 0.77
CA CYS A 128 -27.22 6.20 2.21
C CYS A 128 -27.38 7.51 2.98
N GLU A 129 -28.41 7.55 3.82
CA GLU A 129 -28.60 8.67 4.73
C GLU A 129 -28.40 8.22 6.17
N PHE A 130 -28.94 7.04 6.50
CA PHE A 130 -28.94 6.54 7.87
C PHE A 130 -27.96 5.39 8.10
N ARG A 131 -27.40 5.33 9.30
CA ARG A 131 -26.71 4.14 9.76
C ARG A 131 -27.67 3.34 10.63
N TYR A 132 -27.43 2.02 10.71
CA TYR A 132 -28.37 1.12 11.36
C TYR A 132 -27.78 0.46 12.62
N ASN A 133 -28.44 0.70 13.75
CA ASN A 133 -28.08 0.05 15.01
C ASN A 133 -28.72 -1.34 15.09
N GLU A 134 -27.90 -2.37 15.00
CA GLU A 134 -28.39 -3.74 15.01
C GLU A 134 -28.81 -4.24 16.40
N SER A 135 -28.37 -3.54 17.42
CA SER A 135 -28.67 -3.93 18.79
C SER A 135 -30.03 -3.41 19.24
N ASP A 136 -30.27 -2.12 19.01
CA ASP A 136 -31.52 -1.50 19.44
C ASP A 136 -32.47 -1.25 18.27
N LYS A 137 -32.00 -1.54 17.07
CA LYS A 137 -32.79 -1.31 15.86
C LYS A 137 -33.12 0.18 15.69
N ILE A 138 -32.10 1.00 15.87
CA ILE A 138 -32.24 2.44 15.74
C ILE A 138 -31.60 2.93 14.44
N PHE A 139 -32.28 3.84 13.75
CA PHE A 139 -31.69 4.50 12.60
C PHE A 139 -31.17 5.86 13.05
N ASN A 140 -29.90 6.15 12.76
CA ASN A 140 -29.31 7.45 13.09
C ASN A 140 -28.78 8.16 11.85
N LYS A 141 -29.23 9.38 11.62
CA LYS A 141 -28.77 10.14 10.46
C LYS A 141 -27.28 10.39 10.54
N ILE A 142 -26.59 10.22 9.41
CA ILE A 142 -25.14 10.41 9.37
C ILE A 142 -24.76 11.82 8.96
N ARG A 143 -24.04 12.51 9.84
CA ARG A 143 -23.60 13.88 9.60
C ARG A 143 -22.12 13.93 9.22
N THR A 144 -21.36 12.96 9.71
CA THR A 144 -19.92 12.91 9.45
C THR A 144 -19.58 11.72 8.55
N TRP A 145 -19.86 11.87 7.27
CA TRP A 145 -19.75 10.77 6.31
C TRP A 145 -18.32 10.23 6.17
N LYS A 146 -17.34 11.11 6.33
CA LYS A 146 -15.94 10.72 6.20
C LYS A 146 -15.56 9.72 7.28
N ALA A 147 -16.22 9.81 8.42
CA ALA A 147 -15.94 8.94 9.56
C ALA A 147 -16.43 7.51 9.32
N CYS A 148 -17.18 7.31 8.24
CA CYS A 148 -17.69 5.97 7.91
C CYS A 148 -16.79 5.27 6.91
N LEU A 149 -15.79 5.99 6.40
CA LEU A 149 -14.97 5.48 5.32
C LEU A 149 -13.68 4.85 5.83
N PRO A 150 -12.96 4.13 4.96
CA PRO A 150 -11.63 3.65 5.35
C PRO A 150 -10.69 4.82 5.56
N GLU A 151 -9.80 4.70 6.53
CA GLU A 151 -8.90 5.79 6.88
C GLU A 151 -8.18 6.36 5.65
N GLU A 152 -7.71 5.47 4.78
CA GLU A 152 -6.91 5.87 3.62
C GLU A 152 -7.54 6.94 2.73
N ILE A 153 -8.86 6.89 2.57
CA ILE A 153 -9.53 7.84 1.68
C ILE A 153 -10.46 8.79 2.44
N ARG A 154 -10.36 8.77 3.76
CA ARG A 154 -11.28 9.53 4.61
C ARG A 154 -11.31 11.02 4.29
N ASP A 155 -10.16 11.58 3.93
CA ASP A 155 -10.04 13.01 3.68
C ASP A 155 -9.99 13.35 2.19
N LEU A 156 -10.30 12.38 1.35
CA LEU A 156 -10.29 12.58 -0.09
C LEU A 156 -11.52 13.36 -0.53
N ASP A 157 -11.32 14.43 -1.29
CA ASP A 157 -12.43 15.22 -1.78
C ASP A 157 -12.92 14.73 -3.15
N GLU A 158 -14.23 14.62 -3.31
CA GLU A 158 -14.81 14.17 -4.55
C GLU A 158 -15.56 15.30 -5.26
N ALA A 159 -15.65 15.22 -6.58
CA ALA A 159 -16.36 16.21 -7.36
C ALA A 159 -17.85 15.91 -7.44
N THR A 160 -18.67 16.93 -7.24
CA THR A 160 -20.11 16.78 -7.36
C THR A 160 -20.66 17.86 -8.29
N ILE A 161 -21.43 17.44 -9.29
CA ILE A 161 -22.08 18.36 -10.22
C ILE A 161 -23.40 18.87 -9.65
N PRO A 162 -23.49 20.18 -9.40
CA PRO A 162 -24.68 20.81 -8.80
C PRO A 162 -25.96 20.62 -9.60
N VAL A 163 -27.03 20.22 -8.92
CA VAL A 163 -28.34 20.06 -9.53
C VAL A 163 -29.39 20.79 -8.70
N ASN A 164 -29.93 21.88 -9.23
CA ASN A 164 -30.89 22.70 -8.50
C ASN A 164 -32.26 22.07 -8.40
N GLY A 165 -32.93 22.33 -7.29
CA GLY A 165 -34.32 21.94 -7.10
C GLY A 165 -34.61 20.45 -7.21
N ARG A 166 -33.80 19.64 -6.53
CA ARG A 166 -34.01 18.20 -6.55
C ARG A 166 -34.79 17.71 -5.34
N LYS A 167 -35.79 16.89 -5.59
CA LYS A 167 -36.58 16.28 -4.53
C LYS A 167 -36.54 14.76 -4.67
N PHE A 168 -36.94 14.05 -3.63
CA PHE A 168 -36.88 12.59 -3.62
C PHE A 168 -38.24 11.95 -3.41
N PHE A 169 -38.55 10.95 -4.22
CA PHE A 169 -39.70 10.09 -3.94
C PHE A 169 -39.27 9.08 -2.89
N LYS A 170 -40.05 8.97 -1.83
CA LYS A 170 -39.84 7.95 -0.82
C LYS A 170 -40.86 6.84 -1.07
N TYR A 171 -40.53 5.61 -0.67
CA TYR A 171 -41.37 4.45 -0.96
C TYR A 171 -41.67 3.67 0.30
N PRO A 172 -42.88 3.08 0.36
CA PRO A 172 -43.31 2.29 1.52
C PRO A 172 -42.48 1.02 1.65
N SER A 173 -42.33 0.53 2.88
CA SER A 173 -41.51 -0.63 3.17
C SER A 173 -41.85 -1.82 2.30
N PRO A 174 -40.81 -2.51 1.80
CA PRO A 174 -40.98 -3.71 0.98
C PRO A 174 -41.43 -4.92 1.79
N ILE A 175 -41.32 -4.83 3.13
CA ILE A 175 -41.75 -5.93 3.99
C ILE A 175 -42.92 -5.54 4.89
N ARG A 176 -43.63 -4.48 4.52
CA ARG A 176 -44.81 -4.07 5.26
C ARG A 176 -45.78 -5.25 5.37
N HIS A 177 -45.76 -6.13 4.37
CA HIS A 177 -46.69 -7.25 4.33
C HIS A 177 -46.41 -8.28 5.41
N LEU A 178 -45.36 -8.07 6.19
CA LEU A 178 -44.99 -9.00 7.24
C LEU A 178 -45.47 -8.55 8.62
N LEU A 179 -46.32 -7.53 8.65
CA LEU A 179 -46.88 -7.08 9.92
C LEU A 179 -47.85 -8.11 10.47
N PRO A 180 -47.59 -8.61 11.68
CA PRO A 180 -48.49 -9.56 12.36
C PRO A 180 -49.92 -9.03 12.37
N ALA A 181 -50.89 -9.94 12.39
CA ALA A 181 -52.30 -9.55 12.32
C ALA A 181 -52.81 -8.97 13.64
N ASN A 182 -52.07 -9.16 14.72
CA ASN A 182 -52.47 -8.66 16.02
C ASN A 182 -51.55 -7.59 16.58
N ALA A 183 -50.85 -6.88 15.68
CA ALA A 183 -49.92 -5.84 16.08
C ALA A 183 -50.60 -4.69 16.83
N THR A 184 -49.84 -4.05 17.72
CA THR A 184 -50.30 -2.85 18.42
C THR A 184 -49.18 -1.82 18.44
N PRO A 185 -49.51 -0.57 18.80
CA PRO A 185 -48.51 0.49 18.88
C PRO A 185 -47.58 0.35 20.08
N HIS A 186 -47.77 -0.69 20.89
CA HIS A 186 -46.92 -0.90 22.06
C HIS A 186 -46.29 -2.30 22.12
N ASP A 187 -46.20 -2.97 20.98
CA ASP A 187 -45.52 -4.25 20.92
C ASP A 187 -44.00 -4.05 20.91
N ARG A 188 -43.28 -4.99 21.53
CA ARG A 188 -41.82 -4.91 21.58
C ARG A 188 -41.20 -5.00 20.20
N VAL A 189 -40.04 -4.37 20.04
CA VAL A 189 -39.31 -4.41 18.79
C VAL A 189 -38.90 -5.84 18.49
N PRO A 190 -39.31 -6.37 17.33
CA PRO A 190 -39.07 -7.76 16.93
C PRO A 190 -37.65 -7.98 16.43
N GLU A 191 -37.24 -9.23 16.31
CA GLU A 191 -35.91 -9.58 15.84
C GLU A 191 -35.95 -10.02 14.39
N PRO A 192 -34.87 -9.77 13.64
CA PRO A 192 -34.81 -10.23 12.26
C PRO A 192 -34.59 -11.73 12.23
N THR A 193 -34.81 -12.37 11.08
CA THR A 193 -34.49 -13.78 10.97
C THR A 193 -33.20 -13.96 10.18
N MET A 194 -32.34 -14.83 10.69
CA MET A 194 -31.05 -15.04 10.08
C MET A 194 -31.09 -16.27 9.21
N GLY A 195 -30.51 -16.16 8.01
CA GLY A 195 -30.33 -17.31 7.15
C GLY A 195 -28.90 -17.78 7.37
N SER A 196 -28.07 -17.63 6.35
CA SER A 196 -26.65 -17.86 6.52
C SER A 196 -26.08 -16.81 7.46
N PRO A 197 -25.19 -17.22 8.37
CA PRO A 197 -24.49 -16.29 9.25
C PRO A 197 -23.38 -15.56 8.48
N ASP A 198 -22.93 -16.18 7.39
CA ASP A 198 -21.96 -15.55 6.49
C ASP A 198 -22.68 -14.57 5.56
N ALA A 199 -23.83 -14.05 6.01
CA ALA A 199 -24.65 -13.19 5.18
C ALA A 199 -25.59 -12.33 6.01
N PRO A 200 -26.01 -11.18 5.46
CA PRO A 200 -27.01 -10.34 6.14
C PRO A 200 -28.27 -11.15 6.39
N PRO A 201 -29.21 -10.60 7.19
CA PRO A 201 -30.43 -11.35 7.53
C PRO A 201 -31.21 -11.75 6.27
N LEU A 202 -31.88 -12.89 6.33
CA LEU A 202 -32.73 -13.33 5.22
C LEU A 202 -33.89 -12.36 5.03
N VAL A 203 -34.37 -11.80 6.13
CA VAL A 203 -35.43 -10.78 6.08
C VAL A 203 -35.63 -10.14 7.45
N GLY A 204 -35.92 -8.84 7.44
CA GLY A 204 -36.13 -8.11 8.68
C GLY A 204 -37.59 -8.19 9.11
N ALA A 205 -37.95 -7.37 10.09
CA ALA A 205 -39.32 -7.37 10.60
C ALA A 205 -39.87 -5.96 10.69
N VAL A 206 -41.19 -5.85 10.81
CA VAL A 206 -41.84 -4.57 10.96
C VAL A 206 -42.78 -4.58 12.17
N TYR A 207 -42.91 -3.43 12.82
CA TYR A 207 -43.79 -3.30 13.98
C TYR A 207 -44.53 -1.96 13.98
N MET A 208 -45.47 -1.81 14.90
CA MET A 208 -46.30 -0.61 14.95
C MET A 208 -45.84 0.37 16.03
N ARG A 209 -46.09 1.66 15.80
CA ARG A 209 -45.74 2.69 16.77
C ARG A 209 -46.65 3.90 16.61
N PRO A 210 -46.92 4.61 17.71
CA PRO A 210 -47.71 5.83 17.57
C PRO A 210 -46.99 6.84 16.68
N LYS A 211 -47.76 7.52 15.84
CA LYS A 211 -47.19 8.47 14.89
C LYS A 211 -46.84 9.80 15.55
N MET A 212 -45.94 10.55 14.94
CA MET A 212 -45.46 11.81 15.51
C MET A 212 -45.86 12.99 14.64
N GLN A 213 -45.78 14.20 15.20
CA GLN A 213 -46.19 15.39 14.47
C GLN A 213 -45.02 16.04 13.73
N ARG A 214 -43.86 16.10 14.37
CA ARG A 214 -42.68 16.70 13.77
C ARG A 214 -41.74 15.62 13.22
N ASP A 215 -41.44 15.70 11.93
CA ASP A 215 -40.61 14.70 11.27
C ASP A 215 -39.71 15.35 10.21
N ASP A 216 -38.49 15.68 10.62
CA ASP A 216 -37.61 16.51 9.81
C ASP A 216 -36.96 15.78 8.63
N LEU A 217 -36.71 14.48 8.80
CA LEU A 217 -36.01 13.72 7.78
C LEU A 217 -36.97 13.03 6.81
N GLY A 218 -38.27 13.15 7.09
CA GLY A 218 -39.28 12.46 6.32
C GLY A 218 -39.13 10.95 6.44
N GLU A 219 -39.13 10.46 7.67
CA GLU A 219 -38.88 9.05 7.92
C GLU A 219 -40.13 8.19 7.82
N TYR A 220 -41.27 8.75 8.22
CA TYR A 220 -42.49 7.98 8.37
C TYR A 220 -43.68 8.53 7.60
N ALA A 221 -44.52 7.61 7.10
CA ALA A 221 -45.64 7.96 6.23
C ALA A 221 -46.83 8.55 6.97
N THR A 222 -46.81 8.45 8.29
CA THR A 222 -47.95 8.85 9.12
C THR A 222 -47.70 10.18 9.82
N SER A 223 -46.52 10.75 9.61
CA SER A 223 -46.17 12.03 10.22
C SER A 223 -46.99 13.15 9.60
N ASP A 224 -47.36 14.13 10.41
CA ASP A 224 -48.01 15.32 9.86
C ASP A 224 -47.06 16.03 8.92
N ASP A 225 -45.85 16.28 9.39
CA ASP A 225 -44.85 17.04 8.64
C ASP A 225 -44.06 16.20 7.66
N CYS A 226 -43.50 16.88 6.67
CA CYS A 226 -42.55 16.29 5.75
C CYS A 226 -41.75 17.40 5.09
N PRO A 227 -40.42 17.31 5.16
CA PRO A 227 -39.58 18.35 4.55
C PRO A 227 -39.92 18.54 3.08
N ARG A 228 -39.62 19.72 2.54
CA ARG A 228 -39.96 20.08 1.17
C ARG A 228 -39.27 19.22 0.10
N TYR A 229 -38.11 18.66 0.43
CA TYR A 229 -37.34 17.90 -0.57
C TYR A 229 -37.80 16.45 -0.67
N ILE A 230 -38.80 16.08 0.10
CA ILE A 230 -39.32 14.72 0.07
C ILE A 230 -40.78 14.66 -0.38
N ILE A 231 -41.09 13.64 -1.18
CA ILE A 231 -42.45 13.39 -1.65
C ILE A 231 -42.89 12.00 -1.21
N ARG A 232 -43.87 11.94 -0.32
CA ARG A 232 -44.37 10.66 0.16
C ARG A 232 -45.33 10.03 -0.85
N PRO A 233 -45.63 8.73 -0.67
CA PRO A 233 -46.58 8.01 -1.53
C PRO A 233 -47.95 8.68 -1.59
N ASN A 234 -48.60 8.58 -2.75
CA ASN A 234 -49.94 9.16 -2.97
C ASN A 234 -49.94 10.67 -3.05
N ASP A 235 -48.81 11.28 -2.74
CA ASP A 235 -48.70 12.73 -2.73
C ASP A 235 -48.11 13.22 -4.05
N SER A 236 -48.67 12.75 -5.15
CA SER A 236 -48.07 13.01 -6.47
C SER A 236 -48.24 14.44 -6.98
N PRO A 237 -47.12 15.09 -7.29
CA PRO A 237 -47.08 16.43 -7.90
C PRO A 237 -47.30 16.35 -9.41
N GLU A 238 -48.14 17.25 -9.94
CA GLU A 238 -48.51 17.20 -11.36
C GLU A 238 -47.61 18.05 -12.26
N GLU A 239 -46.31 18.02 -11.99
CA GLU A 239 -45.35 18.74 -12.83
C GLU A 239 -43.91 18.41 -12.44
N GLY A 240 -43.04 18.33 -13.44
CA GLY A 240 -41.63 18.10 -13.20
C GLY A 240 -41.03 16.93 -13.97
N GLN A 241 -39.72 16.78 -13.88
CA GLN A 241 -39.02 15.70 -14.56
C GLN A 241 -38.62 14.60 -13.57
N VAL A 242 -39.03 13.37 -13.86
CA VAL A 242 -38.80 12.26 -12.95
C VAL A 242 -37.81 11.24 -13.50
N ASP A 243 -36.76 10.97 -12.73
CA ASP A 243 -35.79 9.93 -13.06
C ASP A 243 -36.21 8.61 -12.41
N ILE A 244 -36.62 7.66 -13.23
CA ILE A 244 -37.20 6.41 -12.75
C ILE A 244 -36.26 5.56 -11.91
N GLU A 245 -35.00 5.48 -12.30
CA GLU A 245 -34.04 4.59 -11.64
C GLU A 245 -33.69 5.03 -10.22
N THR A 246 -33.81 6.33 -9.95
CA THR A 246 -33.41 6.87 -8.66
C THR A 246 -34.57 7.51 -7.89
N GLY A 247 -35.72 7.67 -8.53
CA GLY A 247 -36.87 8.30 -7.90
C GLY A 247 -36.65 9.77 -7.59
N THR A 248 -35.80 10.42 -8.38
CA THR A 248 -35.54 11.84 -8.19
C THR A 248 -36.37 12.66 -9.17
N ILE A 249 -36.85 13.80 -8.72
CA ILE A 249 -37.61 14.69 -9.59
C ILE A 249 -37.09 16.12 -9.43
N THR A 250 -37.04 16.85 -10.54
CA THR A 250 -36.51 18.21 -10.53
C THR A 250 -37.41 19.17 -11.29
N THR A 251 -37.28 20.47 -11.00
CA THR A 251 -38.05 21.50 -11.68
C THR A 251 -39.53 21.17 -11.72
N PRO B 15 -2.37 -6.07 7.09
CA PRO B 15 -1.34 -5.49 6.23
C PRO B 15 -1.23 -3.97 6.42
N HIS B 16 -1.15 -3.53 7.66
CA HIS B 16 -1.03 -2.12 7.94
C HIS B 16 0.27 -1.81 8.68
N MET B 17 0.58 -2.61 9.69
CA MET B 17 1.66 -2.29 10.62
C MET B 17 2.86 -3.23 10.53
N ASP B 18 4.05 -2.68 10.71
CA ASP B 18 5.27 -3.46 10.74
C ASP B 18 5.66 -3.78 12.18
N GLU B 19 4.97 -3.14 13.13
CA GLU B 19 5.28 -3.35 14.54
C GLU B 19 4.12 -3.01 15.47
N VAL B 20 4.03 -3.76 16.57
CA VAL B 20 3.14 -3.40 17.67
C VAL B 20 3.90 -3.54 18.99
N ILE B 21 3.52 -2.73 19.98
CA ILE B 21 4.16 -2.79 21.29
C ILE B 21 3.16 -3.15 22.38
N VAL B 22 3.47 -4.17 23.16
CA VAL B 22 2.63 -4.56 24.28
C VAL B 22 3.47 -4.75 25.52
N ASN B 23 3.08 -4.07 26.60
CA ASN B 23 3.86 -4.09 27.84
C ASN B 23 5.34 -3.82 27.57
N ASN B 24 5.62 -2.75 26.84
CA ASN B 24 6.99 -2.36 26.50
C ASN B 24 7.78 -3.46 25.79
N ILE B 25 7.15 -4.10 24.81
CA ILE B 25 7.83 -5.13 24.02
C ILE B 25 7.33 -5.14 22.58
N SER B 26 8.26 -5.15 21.64
CA SER B 26 7.94 -5.08 20.21
C SER B 26 7.65 -6.45 19.62
N TYR B 27 6.71 -6.49 18.68
CA TYR B 27 6.40 -7.72 17.97
C TYR B 27 6.35 -7.45 16.47
N HIS B 28 6.97 -8.34 15.70
CA HIS B 28 6.99 -8.19 14.25
C HIS B 28 6.48 -9.46 13.60
N VAL B 29 6.08 -9.34 12.34
CA VAL B 29 5.69 -10.51 11.57
C VAL B 29 6.87 -11.46 11.53
N GLY B 30 6.63 -12.73 11.85
CA GLY B 30 7.68 -13.73 11.87
C GLY B 30 8.11 -14.09 13.28
N ASP B 31 7.81 -13.22 14.24
CA ASP B 31 8.19 -13.45 15.63
C ASP B 31 7.45 -14.64 16.23
N TRP B 32 8.14 -15.38 17.09
CA TRP B 32 7.50 -16.40 17.90
C TRP B 32 7.06 -15.78 19.21
N ALA B 33 5.77 -15.92 19.53
CA ALA B 33 5.21 -15.29 20.72
C ALA B 33 4.16 -16.14 21.42
N LEU B 34 3.81 -15.73 22.63
CA LEU B 34 2.80 -16.40 23.43
C LEU B 34 1.53 -15.56 23.48
N LEU B 35 0.38 -16.22 23.44
CA LEU B 35 -0.91 -15.53 23.44
C LEU B 35 -1.76 -16.06 24.57
N ARG B 36 -2.66 -15.22 25.08
CA ARG B 36 -3.55 -15.64 26.16
C ARG B 36 -4.44 -16.80 25.73
N ASN B 37 -4.42 -17.87 26.51
CA ASN B 37 -5.30 -19.00 26.27
C ASN B 37 -6.50 -18.93 27.20
N GLN B 38 -7.68 -18.88 26.61
CA GLN B 38 -8.91 -18.76 27.37
C GLN B 38 -9.30 -20.08 28.03
N ASN B 39 -8.62 -21.15 27.64
CA ASN B 39 -8.86 -22.47 28.23
C ASN B 39 -7.92 -22.77 29.40
N ASP B 40 -6.84 -22.00 29.49
CA ASP B 40 -5.84 -22.18 30.55
C ASP B 40 -4.90 -20.99 30.60
N PRO B 41 -5.27 -19.97 31.40
CA PRO B 41 -4.57 -18.68 31.55
C PRO B 41 -3.12 -18.80 32.00
N GLN B 42 -2.63 -20.01 32.27
CA GLN B 42 -1.24 -20.20 32.67
C GLN B 42 -0.42 -20.93 31.62
N LYS B 43 -1.09 -21.65 30.71
CA LYS B 43 -0.40 -22.26 29.59
C LYS B 43 -0.78 -21.61 28.27
N PRO B 44 -0.03 -20.58 27.88
CA PRO B 44 -0.29 -19.73 26.71
C PRO B 44 -0.25 -20.49 25.40
N ILE B 45 -0.97 -19.99 24.41
CA ILE B 45 -0.88 -20.53 23.06
C ILE B 45 0.46 -20.10 22.49
N VAL B 46 1.23 -21.08 22.01
CA VAL B 46 2.47 -20.78 21.30
C VAL B 46 2.14 -20.55 19.84
N GLY B 47 2.67 -19.47 19.26
CA GLY B 47 2.35 -19.14 17.89
C GLY B 47 3.35 -18.21 17.22
N GLN B 48 3.17 -18.04 15.92
CA GLN B 48 4.03 -17.15 15.15
C GLN B 48 3.18 -16.16 14.37
N ILE B 49 3.52 -14.87 14.49
CA ILE B 49 2.76 -13.81 13.84
C ILE B 49 2.96 -13.76 12.33
N PHE B 50 1.86 -13.82 11.58
CA PHE B 50 1.91 -13.79 10.13
C PHE B 50 1.43 -12.46 9.54
N ARG B 51 0.63 -11.72 10.30
CA ARG B 51 0.09 -10.45 9.83
C ARG B 51 -0.31 -9.51 10.96
N LEU B 52 -0.01 -8.22 10.77
CA LEU B 52 -0.45 -7.18 11.70
C LEU B 52 -1.33 -6.19 10.98
N TRP B 53 -2.24 -5.55 11.72
CA TRP B 53 -3.05 -4.48 11.14
C TRP B 53 -3.89 -3.75 12.19
N LYS B 54 -4.40 -2.60 11.80
CA LYS B 54 -5.29 -1.79 12.64
C LYS B 54 -6.68 -1.78 12.01
N THR B 55 -7.69 -1.93 12.85
CA THR B 55 -9.08 -1.91 12.37
C THR B 55 -9.67 -0.51 12.51
N PRO B 56 -10.80 -0.26 11.83
CA PRO B 56 -11.45 1.06 11.81
C PRO B 56 -11.64 1.67 13.21
N ASP B 57 -11.71 0.83 14.23
CA ASP B 57 -11.99 1.29 15.58
C ASP B 57 -10.73 1.67 16.36
N GLY B 58 -9.57 1.55 15.73
CA GLY B 58 -8.32 1.96 16.34
C GLY B 58 -7.53 0.87 17.03
N LYS B 59 -8.18 -0.26 17.31
CA LYS B 59 -7.51 -1.38 17.95
C LYS B 59 -6.52 -2.06 17.00
N GLN B 60 -5.48 -2.65 17.58
CA GLN B 60 -4.44 -3.31 16.80
C GLN B 60 -4.62 -4.82 16.79
N TRP B 61 -4.49 -5.43 15.61
CA TRP B 61 -4.77 -6.85 15.42
C TRP B 61 -3.60 -7.60 14.81
N LEU B 62 -3.64 -8.92 14.92
CA LEU B 62 -2.58 -9.77 14.41
C LEU B 62 -3.11 -11.14 14.05
N ASN B 63 -2.37 -11.84 13.20
CA ASN B 63 -2.71 -13.21 12.86
C ASN B 63 -1.53 -14.13 13.14
N ALA B 64 -1.76 -15.14 13.97
CA ALA B 64 -0.70 -16.10 14.30
C ALA B 64 -1.12 -17.53 13.95
N CYS B 65 -0.19 -18.30 13.42
CA CYS B 65 -0.42 -19.72 13.22
C CYS B 65 -0.26 -20.43 14.56
N TRP B 66 -1.32 -21.11 14.99
CA TRP B 66 -1.32 -21.81 16.27
C TRP B 66 -0.48 -23.09 16.24
N TYR B 67 0.33 -23.27 17.28
CA TYR B 67 1.03 -24.52 17.52
C TYR B 67 0.50 -25.14 18.81
N TYR B 68 0.09 -26.41 18.75
CA TYR B 68 -0.50 -27.09 19.90
C TYR B 68 0.52 -27.82 20.75
N ARG B 69 0.33 -27.76 22.07
CA ARG B 69 1.10 -28.58 23.00
C ARG B 69 0.57 -30.01 22.96
N PRO B 70 1.36 -30.97 23.46
CA PRO B 70 0.97 -32.39 23.42
C PRO B 70 -0.40 -32.66 24.01
N GLU B 71 -0.67 -32.11 25.19
CA GLU B 71 -1.93 -32.30 25.88
C GLU B 71 -3.13 -31.79 25.08
N GLN B 72 -2.87 -31.08 23.99
CA GLN B 72 -3.94 -30.50 23.19
C GLN B 72 -4.22 -31.31 21.93
N THR B 73 -3.47 -32.39 21.73
CA THR B 73 -3.65 -33.22 20.55
C THR B 73 -4.28 -34.58 20.87
N VAL B 74 -4.86 -35.18 19.85
CA VAL B 74 -5.37 -36.55 19.93
C VAL B 74 -4.32 -37.50 19.38
N HIS B 75 -3.93 -38.49 20.19
CA HIS B 75 -2.87 -39.43 19.78
C HIS B 75 -2.94 -40.77 20.50
N ARG B 76 -2.19 -41.74 20.00
CA ARG B 76 -1.99 -43.01 20.70
C ARG B 76 -1.41 -42.78 22.09
N VAL B 77 -1.79 -43.62 23.04
CA VAL B 77 -1.36 -43.50 24.43
C VAL B 77 0.14 -43.72 24.61
N ASP B 78 0.78 -44.37 23.64
CA ASP B 78 2.19 -44.73 23.74
C ASP B 78 3.12 -43.73 23.07
N ARG B 79 2.55 -42.68 22.48
CA ARG B 79 3.38 -41.70 21.79
C ARG B 79 4.28 -40.93 22.77
N LEU B 80 5.54 -40.75 22.38
CA LEU B 80 6.50 -40.00 23.18
C LEU B 80 6.70 -38.60 22.63
N PHE B 81 6.97 -37.66 23.52
CA PHE B 81 7.17 -36.27 23.11
C PHE B 81 8.48 -35.73 23.67
N TYR B 82 9.02 -34.71 23.03
CA TYR B 82 10.17 -34.00 23.57
C TYR B 82 9.70 -33.11 24.72
N LYS B 83 10.62 -32.73 25.61
CA LYS B 83 10.29 -31.98 26.81
C LYS B 83 9.43 -30.74 26.57
N ASN B 84 9.82 -29.92 25.60
CA ASN B 84 9.04 -28.75 25.23
C ASN B 84 8.56 -28.81 23.78
N GLU B 85 7.81 -29.87 23.45
CA GLU B 85 7.38 -30.08 22.08
C GLU B 85 6.07 -29.37 21.76
N VAL B 86 6.00 -28.84 20.54
CA VAL B 86 4.78 -28.24 20.01
C VAL B 86 4.56 -28.73 18.60
N MET B 87 3.29 -28.77 18.17
CA MET B 87 2.95 -29.21 16.82
C MET B 87 2.25 -28.11 16.03
N LYS B 88 2.63 -27.93 14.77
CA LYS B 88 1.99 -26.94 13.91
C LYS B 88 0.62 -27.40 13.43
N THR B 89 -0.35 -26.49 13.41
CA THR B 89 -1.68 -26.83 12.93
C THR B 89 -2.02 -26.01 11.69
N GLY B 90 -3.22 -26.24 11.14
CA GLY B 90 -3.71 -25.46 10.03
C GLY B 90 -4.50 -24.25 10.50
N GLN B 91 -4.45 -24.02 11.81
CA GLN B 91 -5.15 -22.88 12.39
C GLN B 91 -4.33 -21.61 12.25
N TYR B 92 -4.90 -20.64 11.53
CA TYR B 92 -4.36 -19.29 11.51
C TYR B 92 -5.44 -18.39 12.07
N ARG B 93 -5.17 -17.78 13.20
CA ARG B 93 -6.21 -17.10 13.95
C ARG B 93 -5.92 -15.62 14.18
N ASP B 94 -6.98 -14.83 14.26
CA ASP B 94 -6.84 -13.40 14.50
C ASP B 94 -7.02 -13.07 15.97
N HIS B 95 -6.11 -12.26 16.50
CA HIS B 95 -6.12 -11.87 17.90
C HIS B 95 -5.95 -10.37 18.05
N LEU B 96 -6.63 -9.79 19.04
CA LEU B 96 -6.32 -8.45 19.50
C LEU B 96 -4.91 -8.52 20.07
N VAL B 97 -4.02 -7.63 19.63
CA VAL B 97 -2.62 -7.70 20.05
C VAL B 97 -2.49 -7.61 21.56
N SER B 98 -3.56 -7.19 22.23
CA SER B 98 -3.56 -7.14 23.69
C SER B 98 -3.64 -8.55 24.29
N ASN B 99 -3.68 -9.56 23.43
CA ASN B 99 -3.66 -10.94 23.89
C ASN B 99 -2.23 -11.42 24.14
N LEU B 100 -1.26 -10.76 23.53
CA LEU B 100 0.13 -11.16 23.67
C LEU B 100 0.58 -11.11 25.13
N VAL B 101 1.25 -12.17 25.57
CA VAL B 101 1.70 -12.25 26.96
C VAL B 101 3.20 -12.48 27.06
N GLY B 102 3.91 -12.25 25.95
CA GLY B 102 5.36 -12.38 25.96
C GLY B 102 5.91 -13.11 24.75
N LYS B 103 7.24 -13.20 24.68
CA LYS B 103 7.92 -13.84 23.57
C LYS B 103 8.40 -15.25 23.91
N CYS B 104 8.60 -16.05 22.87
CA CYS B 104 9.23 -17.35 23.00
C CYS B 104 9.99 -17.64 21.73
N TYR B 105 10.41 -18.89 21.55
CA TYR B 105 11.08 -19.29 20.31
C TYR B 105 10.84 -20.75 20.00
N VAL B 106 10.35 -21.03 18.80
CA VAL B 106 10.13 -22.39 18.36
C VAL B 106 11.20 -22.79 17.35
N ILE B 107 11.94 -23.85 17.65
CA ILE B 107 13.01 -24.32 16.76
C ILE B 107 12.70 -25.65 16.09
N HIS B 108 13.06 -25.74 14.81
CA HIS B 108 12.89 -26.95 14.02
C HIS B 108 13.82 -28.04 14.54
N PHE B 109 13.24 -29.20 14.87
CA PHE B 109 13.97 -30.30 15.49
C PHE B 109 15.24 -30.72 14.74
N THR B 110 15.14 -30.84 13.42
CA THR B 110 16.29 -31.20 12.59
C THR B 110 17.47 -30.26 12.84
N ARG B 111 17.17 -28.96 12.89
CA ARG B 111 18.18 -27.95 13.18
C ARG B 111 18.71 -28.10 14.60
N TYR B 112 17.79 -28.32 15.55
CA TYR B 112 18.14 -28.44 16.95
C TYR B 112 18.93 -29.72 17.21
N GLN B 113 18.85 -30.65 16.28
CA GLN B 113 19.63 -31.89 16.36
C GLN B 113 21.12 -31.60 16.25
N ARG B 114 21.45 -30.55 15.50
CA ARG B 114 22.84 -30.29 15.15
C ARG B 114 23.49 -29.19 15.99
N GLY B 115 22.66 -28.35 16.62
CA GLY B 115 23.18 -27.29 17.46
C GLY B 115 22.14 -26.38 18.09
N ASN B 116 22.61 -25.30 18.71
CA ASN B 116 21.72 -24.33 19.34
C ASN B 116 21.52 -23.09 18.48
N PRO B 117 20.38 -22.42 18.63
CA PRO B 117 20.16 -21.18 17.89
C PRO B 117 21.16 -20.12 18.34
N ASP B 118 21.75 -19.42 17.38
CA ASP B 118 22.68 -18.34 17.71
C ASP B 118 21.90 -17.07 17.96
N MET B 119 21.31 -16.98 19.16
CA MET B 119 20.43 -15.88 19.49
C MET B 119 20.32 -15.71 20.99
N LYS B 120 19.66 -14.63 21.40
CA LYS B 120 19.28 -14.44 22.79
C LYS B 120 17.77 -14.61 22.88
N LEU B 121 17.33 -15.79 23.27
CA LEU B 121 15.91 -16.09 23.38
C LEU B 121 15.25 -15.21 24.43
N GLU B 122 14.19 -14.50 24.02
CA GLU B 122 13.44 -13.66 24.94
C GLU B 122 12.24 -14.42 25.51
N GLY B 123 12.47 -15.66 25.92
CA GLY B 123 11.42 -16.48 26.50
C GLY B 123 11.72 -17.97 26.41
N PRO B 124 10.70 -18.80 26.68
CA PRO B 124 10.84 -20.26 26.63
C PRO B 124 11.16 -20.74 25.23
N LEU B 125 11.85 -21.87 25.12
CA LEU B 125 12.21 -22.43 23.84
C LEU B 125 11.42 -23.70 23.57
N PHE B 126 10.71 -23.71 22.45
CA PHE B 126 9.93 -24.88 22.05
C PHE B 126 10.53 -25.51 20.80
N VAL B 127 10.40 -26.83 20.71
CA VAL B 127 10.92 -27.57 19.57
C VAL B 127 9.80 -28.23 18.81
N CYS B 128 9.88 -28.21 17.50
CA CYS B 128 8.85 -28.79 16.65
C CYS B 128 9.45 -29.74 15.63
N GLU B 129 8.87 -30.94 15.53
CA GLU B 129 9.27 -31.92 14.53
C GLU B 129 8.10 -32.27 13.61
N PHE B 130 6.87 -32.19 14.12
CA PHE B 130 5.71 -32.65 13.36
C PHE B 130 4.65 -31.57 13.11
N ARG B 131 3.97 -31.70 11.98
CA ARG B 131 2.73 -30.97 11.77
C ARG B 131 1.58 -31.91 12.15
N TYR B 132 0.52 -31.36 12.71
CA TYR B 132 -0.57 -32.16 13.25
C TYR B 132 -1.83 -32.00 12.41
N ASN B 133 -2.31 -33.12 11.88
CA ASN B 133 -3.53 -33.13 11.07
C ASN B 133 -4.76 -33.21 11.96
N GLU B 134 -5.26 -32.06 12.39
CA GLU B 134 -6.41 -31.99 13.28
C GLU B 134 -7.61 -32.81 12.77
N SER B 135 -7.73 -32.92 11.46
CA SER B 135 -8.88 -33.58 10.84
C SER B 135 -8.85 -35.10 10.97
N ASP B 136 -7.70 -35.71 10.69
CA ASP B 136 -7.58 -37.16 10.74
C ASP B 136 -6.79 -37.60 11.97
N LYS B 137 -6.36 -36.64 12.78
CA LYS B 137 -5.50 -36.91 13.91
C LYS B 137 -4.27 -37.71 13.43
N ILE B 138 -3.38 -37.04 12.72
CA ILE B 138 -2.22 -37.67 12.12
C ILE B 138 -1.00 -36.79 12.23
N PHE B 139 0.07 -37.31 12.82
CA PHE B 139 1.31 -36.56 12.96
C PHE B 139 2.21 -36.78 11.75
N ASN B 140 2.73 -35.69 11.19
CA ASN B 140 3.63 -35.79 10.05
C ASN B 140 4.90 -34.99 10.26
N LYS B 141 6.04 -35.66 10.08
CA LYS B 141 7.32 -34.98 10.21
C LYS B 141 7.43 -33.85 9.19
N ILE B 142 7.74 -32.66 9.68
CA ILE B 142 8.00 -31.53 8.80
C ILE B 142 9.45 -31.57 8.35
N ARG B 143 9.66 -31.67 7.04
CA ARG B 143 11.01 -31.75 6.49
C ARG B 143 11.34 -30.53 5.63
N THR B 144 10.45 -29.55 5.62
CA THR B 144 10.69 -28.28 4.93
C THR B 144 10.20 -27.12 5.80
N TRP B 145 10.91 -26.87 6.89
CA TRP B 145 10.55 -25.84 7.84
C TRP B 145 10.23 -24.52 7.13
N LYS B 146 11.04 -24.18 6.13
CA LYS B 146 10.92 -22.90 5.43
C LYS B 146 9.52 -22.63 4.90
N ALA B 147 8.84 -23.67 4.41
CA ALA B 147 7.50 -23.51 3.85
C ALA B 147 6.43 -23.28 4.92
N CYS B 148 6.81 -23.44 6.19
CA CYS B 148 5.87 -23.24 7.29
C CYS B 148 5.80 -21.78 7.74
N LEU B 149 6.79 -20.99 7.35
CA LEU B 149 6.93 -19.64 7.88
C LEU B 149 6.27 -18.60 6.97
N PRO B 150 6.01 -17.40 7.51
CA PRO B 150 5.49 -16.30 6.68
C PRO B 150 6.49 -15.98 5.59
N GLU B 151 6.02 -15.77 4.36
CA GLU B 151 6.91 -15.66 3.21
C GLU B 151 7.97 -14.55 3.33
N GLU B 152 7.69 -13.53 4.14
CA GLU B 152 8.62 -12.42 4.29
C GLU B 152 9.69 -12.65 5.34
N ILE B 153 9.94 -13.92 5.68
CA ILE B 153 11.02 -14.25 6.61
C ILE B 153 11.76 -15.52 6.18
N ARG B 154 11.28 -16.15 5.12
CA ARG B 154 11.89 -17.39 4.63
C ARG B 154 13.33 -17.18 4.19
N GLU B 158 18.97 -18.26 9.88
CA GLU B 158 19.65 -17.86 11.12
C GLU B 158 20.82 -18.80 11.44
N ALA B 159 21.87 -18.25 12.02
CA ALA B 159 23.03 -19.04 12.38
C ALA B 159 22.69 -20.12 13.40
N THR B 160 23.59 -21.09 13.55
CA THR B 160 23.41 -22.17 14.51
C THR B 160 24.73 -22.54 15.15
N ILE B 161 24.72 -22.71 16.48
CA ILE B 161 25.91 -23.07 17.23
C ILE B 161 26.00 -24.59 17.37
N PRO B 162 26.87 -25.22 16.56
CA PRO B 162 26.99 -26.68 16.49
C PRO B 162 27.31 -27.32 17.84
N VAL B 163 26.64 -28.44 18.12
CA VAL B 163 26.91 -29.22 19.33
C VAL B 163 27.28 -30.64 18.93
N ASN B 164 28.25 -31.22 19.62
CA ASN B 164 28.71 -32.57 19.28
C ASN B 164 27.77 -33.67 19.80
N GLY B 165 27.25 -34.46 18.88
CA GLY B 165 26.43 -35.61 19.20
C GLY B 165 25.38 -35.39 20.27
N ARG B 166 24.30 -34.69 19.92
CA ARG B 166 23.23 -34.44 20.87
C ARG B 166 22.15 -35.52 20.80
N LYS B 167 21.61 -35.88 21.97
CA LYS B 167 20.49 -36.81 22.04
C LYS B 167 19.32 -36.15 22.78
N PHE B 168 18.14 -36.76 22.67
CA PHE B 168 16.94 -36.21 23.27
C PHE B 168 16.21 -37.22 24.14
N PHE B 169 16.00 -36.88 25.40
CA PHE B 169 15.09 -37.63 26.25
C PHE B 169 13.68 -37.36 25.75
N LYS B 170 12.92 -38.42 25.49
CA LYS B 170 11.51 -38.26 25.18
C LYS B 170 10.69 -38.86 26.32
N TYR B 171 9.49 -38.30 26.54
CA TYR B 171 8.70 -38.63 27.71
C TYR B 171 7.29 -39.05 27.29
N PRO B 172 6.58 -39.77 28.18
CA PRO B 172 5.26 -40.30 27.84
C PRO B 172 4.24 -39.19 27.75
N SER B 173 3.05 -39.52 27.23
CA SER B 173 1.97 -38.54 27.09
C SER B 173 1.59 -37.94 28.43
N PRO B 174 1.32 -36.63 28.44
CA PRO B 174 0.85 -35.92 29.64
C PRO B 174 -0.61 -36.21 29.92
N ILE B 175 -1.27 -36.87 28.97
CA ILE B 175 -2.67 -37.25 29.13
C ILE B 175 -2.85 -38.75 28.92
N ARG B 176 -1.81 -39.51 29.22
CA ARG B 176 -1.88 -40.97 29.11
C ARG B 176 -2.90 -41.53 30.09
N HIS B 177 -3.13 -40.82 31.19
CA HIS B 177 -4.08 -41.26 32.20
C HIS B 177 -5.52 -41.12 31.72
N LEU B 178 -5.70 -40.69 30.47
CA LEU B 178 -7.04 -40.44 29.95
C LEU B 178 -7.57 -41.56 29.07
N LEU B 179 -6.82 -42.66 28.98
CA LEU B 179 -7.28 -43.81 28.21
C LEU B 179 -8.47 -44.46 28.89
N PRO B 180 -9.57 -44.67 28.15
CA PRO B 180 -10.76 -45.34 28.69
C PRO B 180 -10.43 -46.72 29.25
N ALA B 181 -11.07 -47.08 30.36
CA ALA B 181 -10.78 -48.32 31.06
C ALA B 181 -11.00 -49.55 30.19
N ASN B 182 -11.93 -49.43 29.23
CA ASN B 182 -12.30 -50.52 28.35
C ASN B 182 -11.75 -50.33 26.93
N ALA B 183 -10.54 -49.80 26.84
CA ALA B 183 -9.93 -49.51 25.54
C ALA B 183 -9.40 -50.76 24.84
N THR B 184 -9.38 -50.72 23.51
CA THR B 184 -8.84 -51.80 22.69
C THR B 184 -7.91 -51.24 21.61
N PRO B 185 -7.05 -52.09 21.04
CA PRO B 185 -6.16 -51.65 19.96
C PRO B 185 -6.88 -51.40 18.63
N HIS B 186 -8.20 -51.59 18.62
CA HIS B 186 -8.98 -51.35 17.41
C HIS B 186 -10.07 -50.31 17.61
N ASP B 187 -9.92 -49.49 18.64
CA ASP B 187 -10.87 -48.41 18.91
C ASP B 187 -10.80 -47.34 17.84
N ARG B 188 -11.91 -46.63 17.65
CA ARG B 188 -11.93 -45.48 16.75
C ARG B 188 -11.15 -44.34 17.38
N VAL B 189 -10.40 -43.62 16.56
CA VAL B 189 -9.72 -42.41 16.99
C VAL B 189 -10.71 -41.42 17.58
N PRO B 190 -10.49 -41.03 18.84
CA PRO B 190 -11.38 -40.14 19.60
C PRO B 190 -11.24 -38.67 19.19
N GLU B 191 -12.21 -37.84 19.58
CA GLU B 191 -12.19 -36.42 19.29
C GLU B 191 -11.63 -35.64 20.47
N PRO B 192 -11.04 -34.48 20.20
CA PRO B 192 -10.57 -33.62 21.30
C PRO B 192 -11.77 -33.04 22.03
N THR B 193 -11.55 -32.53 23.23
CA THR B 193 -12.60 -31.83 23.93
C THR B 193 -12.45 -30.33 23.67
N MET B 194 -13.53 -29.70 23.25
CA MET B 194 -13.50 -28.28 22.97
C MET B 194 -13.93 -27.47 24.18
N GLY B 195 -13.23 -26.36 24.40
CA GLY B 195 -13.64 -25.39 25.40
C GLY B 195 -14.07 -24.14 24.67
N SER B 196 -13.36 -23.05 24.89
CA SER B 196 -13.61 -21.82 24.15
C SER B 196 -13.34 -22.04 22.67
N PRO B 197 -14.22 -21.54 21.82
CA PRO B 197 -14.08 -21.63 20.36
C PRO B 197 -12.87 -20.86 19.85
N ASP B 198 -12.52 -19.77 20.53
CA ASP B 198 -11.36 -18.97 20.16
C ASP B 198 -10.12 -19.39 20.95
N ALA B 199 -9.95 -20.70 21.14
CA ALA B 199 -8.82 -21.23 21.87
C ALA B 199 -8.48 -22.64 21.40
N PRO B 200 -7.26 -23.10 21.71
CA PRO B 200 -6.85 -24.47 21.44
C PRO B 200 -7.74 -25.44 22.20
N PRO B 201 -7.79 -26.72 21.80
CA PRO B 201 -8.63 -27.69 22.51
C PRO B 201 -8.40 -27.59 24.02
N LEU B 202 -9.47 -27.70 24.80
CA LEU B 202 -9.37 -27.73 26.25
C LEU B 202 -8.47 -28.89 26.69
N VAL B 203 -8.64 -30.02 26.01
CA VAL B 203 -7.81 -31.20 26.26
C VAL B 203 -7.99 -32.21 25.13
N GLY B 204 -6.88 -32.80 24.67
CA GLY B 204 -6.93 -33.77 23.61
C GLY B 204 -7.55 -35.10 24.03
N ALA B 205 -6.92 -36.19 23.62
CA ALA B 205 -7.40 -37.53 23.95
C ALA B 205 -6.43 -38.59 23.44
N VAL B 206 -6.45 -39.75 24.07
CA VAL B 206 -5.54 -40.84 23.69
C VAL B 206 -6.30 -42.10 23.34
N TYR B 207 -5.68 -42.94 22.52
CA TYR B 207 -6.28 -44.21 22.13
C TYR B 207 -5.19 -45.26 21.94
N MET B 208 -5.61 -46.50 21.69
CA MET B 208 -4.69 -47.62 21.68
C MET B 208 -4.49 -48.22 20.28
N ARG B 209 -3.30 -48.76 20.03
CA ARG B 209 -2.98 -49.40 18.76
C ARG B 209 -1.91 -50.46 18.99
N PRO B 210 -1.76 -51.41 18.05
CA PRO B 210 -0.75 -52.47 18.19
C PRO B 210 0.66 -51.92 18.11
N LYS B 211 1.60 -52.60 18.75
CA LYS B 211 3.01 -52.23 18.65
C LYS B 211 3.45 -52.19 17.20
N MET B 212 4.69 -51.75 16.96
CA MET B 212 5.29 -51.80 15.63
C MET B 212 6.74 -52.25 15.77
N GLN B 213 7.30 -52.78 14.68
CA GLN B 213 8.70 -53.14 14.69
C GLN B 213 9.55 -51.92 14.28
N ARG B 214 9.40 -51.49 13.05
CA ARG B 214 10.17 -50.37 12.52
C ARG B 214 9.64 -49.04 13.02
N ASP B 215 10.53 -48.18 13.51
CA ASP B 215 10.13 -46.89 14.04
C ASP B 215 11.19 -45.81 13.77
N ASP B 216 11.22 -45.32 12.53
CA ASP B 216 12.28 -44.43 12.07
C ASP B 216 12.50 -43.17 12.91
N LEU B 217 11.43 -42.56 13.40
CA LEU B 217 11.54 -41.27 14.05
C LEU B 217 11.41 -41.34 15.58
N GLY B 218 11.24 -42.56 16.10
CA GLY B 218 11.12 -42.74 17.54
C GLY B 218 9.86 -42.10 18.09
N GLU B 219 8.73 -42.44 17.48
CA GLU B 219 7.45 -41.86 17.89
C GLU B 219 6.78 -42.59 19.05
N TYR B 220 7.01 -43.89 19.18
CA TYR B 220 6.27 -44.67 20.15
C TYR B 220 7.13 -45.51 21.09
N ALA B 221 6.68 -45.59 22.35
CA ALA B 221 7.44 -46.28 23.39
C ALA B 221 7.34 -47.80 23.28
N THR B 222 6.37 -48.28 22.52
CA THR B 222 6.13 -49.71 22.38
C THR B 222 6.88 -50.35 21.22
N SER B 223 7.41 -49.53 20.31
CA SER B 223 8.11 -50.04 19.15
C SER B 223 9.36 -50.84 19.52
N ASP B 224 9.71 -51.82 18.70
CA ASP B 224 10.92 -52.59 18.93
C ASP B 224 12.14 -51.71 18.72
N ASP B 225 12.13 -50.96 17.63
CA ASP B 225 13.28 -50.13 17.24
C ASP B 225 13.11 -48.67 17.63
N CYS B 226 14.24 -48.01 17.89
CA CYS B 226 14.27 -46.60 18.20
C CYS B 226 15.59 -45.96 17.76
N PRO B 227 15.51 -44.83 17.05
CA PRO B 227 16.71 -44.11 16.60
C PRO B 227 17.70 -43.88 17.73
N ARG B 228 18.99 -43.76 17.37
CA ARG B 228 20.06 -43.68 18.36
C ARG B 228 20.15 -42.33 19.07
N TYR B 229 19.53 -41.31 18.49
CA TYR B 229 19.55 -39.99 19.10
C TYR B 229 18.41 -39.82 20.09
N ILE B 230 17.57 -40.84 20.20
CA ILE B 230 16.44 -40.82 21.12
C ILE B 230 16.66 -41.71 22.34
N ILE B 231 16.37 -41.16 23.51
CA ILE B 231 16.42 -41.91 24.76
C ILE B 231 15.01 -42.05 25.33
N ARG B 232 14.44 -43.23 25.16
CA ARG B 232 13.08 -43.48 25.64
C ARG B 232 13.05 -43.68 27.15
N PRO B 233 11.92 -43.33 27.79
CA PRO B 233 11.78 -43.39 29.24
C PRO B 233 12.28 -44.71 29.83
N ASN B 234 13.10 -44.62 30.87
CA ASN B 234 13.62 -45.80 31.57
C ASN B 234 14.78 -46.48 30.85
N ASP B 235 15.17 -45.97 29.69
CA ASP B 235 16.39 -46.45 29.04
C ASP B 235 17.56 -46.05 29.91
N SER B 236 17.45 -44.87 30.51
CA SER B 236 18.37 -44.42 31.55
C SER B 236 19.84 -44.65 31.21
N PRO B 237 20.44 -43.73 30.44
CA PRO B 237 21.89 -43.80 30.24
C PRO B 237 22.57 -43.45 31.56
N GLU B 238 23.88 -43.66 31.63
CA GLU B 238 24.62 -43.34 32.84
C GLU B 238 25.93 -42.63 32.51
N GLU B 239 25.85 -41.69 31.56
CA GLU B 239 27.00 -40.91 31.15
C GLU B 239 26.56 -39.73 30.29
N GLY B 240 27.24 -38.61 30.43
CA GLY B 240 26.93 -37.42 29.65
C GLY B 240 26.45 -36.26 30.49
N GLN B 241 26.11 -35.16 29.84
CA GLN B 241 25.65 -33.97 30.54
C GLN B 241 24.23 -33.61 30.09
N VAL B 242 23.30 -33.63 31.03
CA VAL B 242 21.89 -33.41 30.73
C VAL B 242 21.46 -31.96 30.98
N ASP B 243 20.81 -31.35 29.99
CA ASP B 243 20.21 -30.05 30.17
C ASP B 243 18.78 -30.24 30.64
N ILE B 244 18.57 -30.10 31.94
CA ILE B 244 17.26 -30.34 32.55
C ILE B 244 16.12 -29.67 31.78
N GLU B 245 16.35 -28.42 31.37
CA GLU B 245 15.30 -27.61 30.77
C GLU B 245 14.83 -28.11 29.42
N THR B 246 15.77 -28.51 28.58
CA THR B 246 15.42 -28.94 27.23
C THR B 246 15.38 -30.46 27.10
N GLY B 247 15.77 -31.15 28.16
CA GLY B 247 15.82 -32.60 28.14
C GLY B 247 16.77 -33.15 27.10
N THR B 248 17.85 -32.42 26.83
CA THR B 248 18.85 -32.85 25.86
C THR B 248 20.10 -33.34 26.57
N ILE B 249 20.88 -34.19 25.91
CA ILE B 249 22.09 -34.74 26.51
C ILE B 249 23.20 -34.95 25.49
N THR B 250 24.42 -34.52 25.84
CA THR B 250 25.57 -34.65 24.96
C THR B 250 26.66 -35.49 25.61
N THR B 251 27.45 -36.18 24.80
CA THR B 251 28.54 -37.02 25.29
C THR B 251 29.67 -37.13 24.28
N MET C 17 -2.16 5.12 -9.20
CA MET C 17 -3.08 4.50 -10.17
C MET C 17 -2.62 3.08 -10.49
N ASP C 18 -3.56 2.24 -10.88
CA ASP C 18 -3.23 0.86 -11.24
C ASP C 18 -3.31 0.67 -12.74
N GLU C 19 -3.78 1.69 -13.45
CA GLU C 19 -3.98 1.58 -14.89
C GLU C 19 -4.14 2.93 -15.56
N VAL C 20 -3.42 3.13 -16.66
CA VAL C 20 -3.63 4.32 -17.48
C VAL C 20 -4.06 3.93 -18.89
N ILE C 21 -4.84 4.79 -19.54
CA ILE C 21 -5.30 4.53 -20.89
C ILE C 21 -4.85 5.63 -21.86
N VAL C 22 -4.22 5.23 -22.95
CA VAL C 22 -3.76 6.17 -23.96
C VAL C 22 -4.06 5.63 -25.35
N ASN C 23 -4.70 6.44 -26.18
CA ASN C 23 -5.18 6.00 -27.49
C ASN C 23 -5.88 4.64 -27.39
N ASN C 24 -6.84 4.55 -26.49
CA ASN C 24 -7.64 3.34 -26.29
C ASN C 24 -6.83 2.08 -25.99
N ILE C 25 -5.62 2.27 -25.46
CA ILE C 25 -4.81 1.14 -25.01
C ILE C 25 -4.54 1.24 -23.51
N SER C 26 -4.81 0.15 -22.81
CA SER C 26 -4.63 0.12 -21.37
C SER C 26 -3.22 -0.30 -20.98
N TYR C 27 -2.61 0.45 -20.07
CA TYR C 27 -1.24 0.20 -19.63
C TYR C 27 -1.18 -0.07 -18.13
N HIS C 28 -0.39 -1.06 -17.73
CA HIS C 28 -0.26 -1.42 -16.31
C HIS C 28 1.19 -1.56 -15.87
N VAL C 29 1.40 -1.52 -14.56
CA VAL C 29 2.73 -1.76 -14.01
C VAL C 29 3.20 -3.15 -14.42
N GLY C 30 4.44 -3.26 -14.86
CA GLY C 30 4.96 -4.52 -15.37
C GLY C 30 4.80 -4.65 -16.87
N ASP C 31 3.96 -3.82 -17.47
CA ASP C 31 3.79 -3.84 -18.93
C ASP C 31 5.05 -3.34 -19.63
N TRP C 32 5.38 -3.98 -20.75
CA TRP C 32 6.44 -3.48 -21.60
C TRP C 32 5.83 -2.54 -22.62
N ALA C 33 6.48 -1.40 -22.82
CA ALA C 33 5.88 -0.36 -23.63
C ALA C 33 6.91 0.41 -24.43
N LEU C 34 6.42 1.22 -25.36
CA LEU C 34 7.25 2.06 -26.18
C LEU C 34 6.95 3.53 -25.86
N LEU C 35 8.00 4.32 -25.65
CA LEU C 35 7.85 5.72 -25.28
C LEU C 35 8.50 6.62 -26.30
N ARG C 36 7.82 7.73 -26.63
CA ARG C 36 8.35 8.65 -27.62
C ARG C 36 9.81 8.97 -27.35
N ASN C 37 10.64 8.86 -28.38
CA ASN C 37 12.06 9.19 -28.26
C ASN C 37 12.31 10.56 -28.86
N GLN C 38 12.72 11.51 -28.02
CA GLN C 38 12.95 12.88 -28.50
C GLN C 38 14.14 12.98 -29.44
N ASN C 39 15.05 12.02 -29.36
CA ASN C 39 16.19 11.98 -30.27
C ASN C 39 15.84 11.30 -31.61
N ASP C 40 14.76 10.52 -31.64
CA ASP C 40 14.31 9.86 -32.87
C ASP C 40 12.87 9.33 -32.76
N PRO C 41 11.90 10.10 -33.26
CA PRO C 41 10.45 9.88 -33.15
C PRO C 41 9.96 8.53 -33.68
N GLN C 42 10.69 7.90 -34.59
CA GLN C 42 10.26 6.64 -35.16
C GLN C 42 10.97 5.44 -34.54
N LYS C 43 11.85 5.72 -33.58
CA LYS C 43 12.55 4.69 -32.86
C LYS C 43 12.36 4.85 -31.37
N PRO C 44 11.16 4.51 -30.88
CA PRO C 44 10.74 4.75 -29.49
C PRO C 44 11.58 4.03 -28.45
N ILE C 45 11.64 4.59 -27.24
CA ILE C 45 12.32 3.98 -26.12
C ILE C 45 11.57 2.73 -25.69
N VAL C 46 12.29 1.63 -25.55
CA VAL C 46 11.73 0.42 -24.96
C VAL C 46 11.83 0.51 -23.45
N GLY C 47 10.72 0.33 -22.77
CA GLY C 47 10.72 0.39 -21.32
C GLY C 47 9.75 -0.56 -20.66
N GLN C 48 9.93 -0.76 -19.36
CA GLN C 48 8.94 -1.47 -18.57
C GLN C 48 8.40 -0.53 -17.50
N ILE C 49 7.08 -0.49 -17.36
CA ILE C 49 6.45 0.41 -16.41
C ILE C 49 6.56 -0.09 -14.97
N PHE C 50 7.22 0.69 -14.12
CA PHE C 50 7.39 0.34 -12.71
C PHE C 50 6.42 1.09 -11.79
N ARG C 51 5.84 2.18 -12.26
CA ARG C 51 5.06 3.04 -11.37
C ARG C 51 4.16 4.01 -12.12
N LEU C 52 2.93 4.17 -11.62
CA LEU C 52 1.96 5.11 -12.16
C LEU C 52 1.45 6.03 -11.05
N TRP C 53 1.24 7.30 -11.37
CA TRP C 53 0.70 8.25 -10.39
C TRP C 53 0.18 9.51 -11.04
N LYS C 54 -0.63 10.25 -10.30
CA LYS C 54 -1.23 11.48 -10.79
C LYS C 54 -0.75 12.65 -9.95
N THR C 55 -0.27 13.71 -10.59
CA THR C 55 0.19 14.88 -9.87
C THR C 55 -0.98 15.80 -9.51
N PRO C 56 -0.75 16.78 -8.60
CA PRO C 56 -1.81 17.70 -8.17
C PRO C 56 -2.36 18.51 -9.34
N ASP C 57 -1.60 18.49 -10.44
CA ASP C 57 -1.98 19.14 -11.68
C ASP C 57 -3.13 18.38 -12.35
N GLY C 58 -3.36 17.16 -11.88
CA GLY C 58 -4.32 16.27 -12.51
C GLY C 58 -3.70 15.41 -13.59
N LYS C 59 -2.44 15.69 -13.94
CA LYS C 59 -1.77 14.97 -15.02
C LYS C 59 -1.29 13.57 -14.60
N GLN C 60 -1.28 12.66 -15.58
CA GLN C 60 -0.88 11.27 -15.32
C GLN C 60 0.58 11.04 -15.68
N TRP C 61 1.29 10.37 -14.78
CA TRP C 61 2.72 10.12 -14.97
C TRP C 61 3.02 8.63 -14.86
N LEU C 62 4.21 8.25 -15.33
CA LEU C 62 4.69 6.90 -15.13
C LEU C 62 6.20 6.89 -14.92
N ASN C 63 6.72 5.82 -14.32
CA ASN C 63 8.16 5.65 -14.23
C ASN C 63 8.55 4.37 -14.94
N ALA C 64 9.54 4.45 -15.81
CA ALA C 64 9.95 3.28 -16.58
C ALA C 64 11.47 3.04 -16.55
N CYS C 65 11.85 1.77 -16.56
CA CYS C 65 13.25 1.42 -16.76
C CYS C 65 13.57 1.38 -18.25
N TRP C 66 14.54 2.18 -18.68
CA TRP C 66 14.92 2.24 -20.09
C TRP C 66 15.77 1.05 -20.52
N TYR C 67 15.41 0.46 -21.66
CA TYR C 67 16.23 -0.55 -22.34
C TYR C 67 16.79 0.05 -23.64
N TYR C 68 18.11 -0.04 -23.82
CA TYR C 68 18.77 0.56 -24.97
C TYR C 68 18.88 -0.39 -26.18
N ARG C 69 18.73 0.16 -27.37
CA ARG C 69 19.03 -0.59 -28.59
C ARG C 69 20.53 -0.54 -28.78
N PRO C 70 21.09 -1.45 -29.59
CA PRO C 70 22.54 -1.50 -29.80
C PRO C 70 23.16 -0.19 -30.27
N GLU C 71 22.46 0.57 -31.12
CA GLU C 71 23.00 1.84 -31.64
C GLU C 71 23.10 2.92 -30.56
N GLN C 72 22.50 2.66 -29.41
CA GLN C 72 22.52 3.63 -28.32
C GLN C 72 23.62 3.34 -27.29
N THR C 73 24.31 2.22 -27.45
CA THR C 73 25.36 1.85 -26.50
C THR C 73 26.76 2.08 -27.06
N VAL C 74 27.74 2.03 -26.17
CA VAL C 74 29.15 2.04 -26.55
C VAL C 74 29.64 0.60 -26.43
N HIS C 75 30.34 0.13 -27.46
CA HIS C 75 30.79 -1.26 -27.49
C HIS C 75 31.94 -1.48 -28.47
N ARG C 76 32.57 -2.64 -28.36
CA ARG C 76 33.58 -3.04 -29.32
C ARG C 76 32.97 -3.09 -30.72
N VAL C 77 33.72 -2.64 -31.70
CA VAL C 77 33.23 -2.61 -33.07
C VAL C 77 32.81 -3.99 -33.57
N ASP C 78 33.43 -5.03 -33.03
CA ASP C 78 33.13 -6.40 -33.47
C ASP C 78 32.07 -7.12 -32.63
N ARG C 79 31.37 -6.37 -31.78
CA ARG C 79 30.30 -6.98 -30.98
C ARG C 79 29.11 -7.37 -31.87
N LEU C 80 28.49 -8.50 -31.53
CA LEU C 80 27.35 -9.00 -32.29
C LEU C 80 26.06 -8.83 -31.50
N PHE C 81 24.93 -8.79 -32.21
CA PHE C 81 23.62 -8.58 -31.59
C PHE C 81 22.55 -9.41 -32.27
N TYR C 82 21.55 -9.83 -31.49
CA TYR C 82 20.39 -10.50 -32.05
C TYR C 82 19.54 -9.49 -32.79
N LYS C 83 18.64 -9.99 -33.62
CA LYS C 83 17.65 -9.14 -34.25
C LYS C 83 16.70 -8.70 -33.14
N ASN C 84 16.48 -7.40 -33.03
CA ASN C 84 15.63 -6.85 -31.98
C ASN C 84 16.19 -7.08 -30.57
N GLU C 85 17.49 -6.88 -30.39
CA GLU C 85 18.11 -7.00 -29.07
C GLU C 85 18.07 -5.67 -28.32
N VAL C 86 17.74 -5.73 -27.03
CA VAL C 86 17.80 -4.56 -26.17
C VAL C 86 18.60 -4.85 -24.89
N MET C 87 19.22 -3.82 -24.35
CA MET C 87 20.00 -3.95 -23.13
C MET C 87 19.36 -3.22 -21.97
N LYS C 88 19.32 -3.86 -20.80
CA LYS C 88 18.81 -3.21 -19.60
C LYS C 88 19.78 -2.15 -19.11
N THR C 89 19.25 -0.99 -18.74
CA THR C 89 20.05 0.07 -18.12
C THR C 89 19.63 0.29 -16.67
N GLY C 90 20.27 1.25 -16.02
CA GLY C 90 19.88 1.66 -14.70
C GLY C 90 19.11 2.97 -14.75
N GLN C 91 18.57 3.29 -15.91
CA GLN C 91 17.78 4.52 -16.08
C GLN C 91 16.32 4.30 -15.72
N TYR C 92 15.90 4.81 -14.59
CA TYR C 92 14.49 4.76 -14.22
C TYR C 92 13.91 6.15 -14.36
N ARG C 93 13.21 6.38 -15.48
CA ARG C 93 12.79 7.71 -15.87
C ARG C 93 11.30 7.97 -15.73
N ASP C 94 10.97 9.20 -15.36
CA ASP C 94 9.59 9.66 -15.26
C ASP C 94 9.06 10.18 -16.60
N HIS C 95 7.86 9.77 -16.94
CA HIS C 95 7.22 10.17 -18.20
C HIS C 95 5.78 10.60 -17.98
N LEU C 96 5.35 11.66 -18.67
CA LEU C 96 3.92 11.87 -18.85
C LEU C 96 3.43 10.67 -19.66
N VAL C 97 2.30 10.08 -19.25
CA VAL C 97 1.79 8.88 -19.92
C VAL C 97 1.36 9.16 -21.36
N SER C 98 1.25 10.44 -21.71
CA SER C 98 0.99 10.82 -23.08
C SER C 98 2.17 10.44 -23.98
N ASN C 99 3.32 10.15 -23.37
CA ASN C 99 4.49 9.72 -24.11
C ASN C 99 4.32 8.34 -24.75
N LEU C 100 3.45 7.53 -24.15
CA LEU C 100 3.22 6.17 -24.60
C LEU C 100 2.77 6.11 -26.06
N VAL C 101 3.47 5.33 -26.87
CA VAL C 101 3.13 5.22 -28.29
C VAL C 101 2.75 3.80 -28.70
N GLY C 102 2.62 2.90 -27.73
CA GLY C 102 2.22 1.54 -28.03
C GLY C 102 2.82 0.47 -27.14
N LYS C 103 2.29 -0.74 -27.24
CA LYS C 103 2.79 -1.88 -26.46
C LYS C 103 3.96 -2.53 -27.17
N CYS C 104 4.70 -3.34 -26.43
CA CYS C 104 5.68 -4.25 -27.02
C CYS C 104 5.93 -5.38 -26.02
N TYR C 105 7.02 -6.09 -26.18
CA TYR C 105 7.36 -7.16 -25.25
C TYR C 105 8.85 -7.49 -25.32
N VAL C 106 9.48 -7.54 -24.16
CA VAL C 106 10.88 -7.91 -24.09
C VAL C 106 10.97 -9.26 -23.40
N ILE C 107 11.57 -10.23 -24.08
CA ILE C 107 11.71 -11.57 -23.54
C ILE C 107 13.14 -11.82 -23.09
N HIS C 108 13.29 -12.55 -21.98
CA HIS C 108 14.62 -12.90 -21.47
C HIS C 108 15.27 -13.94 -22.38
N PHE C 109 16.46 -13.63 -22.88
CA PHE C 109 17.13 -14.49 -23.84
C PHE C 109 17.11 -15.97 -23.45
N THR C 110 17.55 -16.28 -22.23
CA THR C 110 17.60 -17.66 -21.74
C THR C 110 16.28 -18.41 -21.94
N ARG C 111 15.16 -17.72 -21.77
CA ARG C 111 13.85 -18.33 -21.98
C ARG C 111 13.52 -18.46 -23.47
N TYR C 112 13.88 -17.44 -24.24
CA TYR C 112 13.63 -17.44 -25.68
C TYR C 112 14.38 -18.58 -26.36
N GLN C 113 15.51 -18.98 -25.78
CA GLN C 113 16.31 -20.09 -26.29
C GLN C 113 15.52 -21.38 -26.32
N ARG C 114 14.71 -21.60 -25.29
CA ARG C 114 13.99 -22.87 -25.16
C ARG C 114 12.57 -22.89 -25.72
N GLY C 115 12.03 -21.74 -26.08
CA GLY C 115 10.68 -21.71 -26.63
C GLY C 115 10.10 -20.35 -26.94
N ASN C 116 8.79 -20.30 -27.13
CA ASN C 116 8.07 -19.05 -27.41
C ASN C 116 7.12 -18.64 -26.31
N PRO C 117 6.92 -17.32 -26.14
CA PRO C 117 6.00 -16.83 -25.11
C PRO C 117 4.56 -17.20 -25.46
N ASP C 118 3.89 -17.93 -24.57
CA ASP C 118 2.52 -18.37 -24.83
C ASP C 118 1.53 -17.25 -24.54
N MET C 119 1.37 -16.37 -25.51
CA MET C 119 0.53 -15.19 -25.35
C MET C 119 0.33 -14.50 -26.70
N LYS C 120 -0.66 -13.62 -26.77
CA LYS C 120 -0.83 -12.77 -27.93
C LYS C 120 -0.03 -11.48 -27.73
N LEU C 121 1.03 -11.33 -28.51
CA LEU C 121 1.85 -10.13 -28.44
C LEU C 121 1.11 -8.95 -29.05
N GLU C 122 1.18 -7.79 -28.41
CA GLU C 122 0.46 -6.60 -28.86
C GLU C 122 1.40 -5.55 -29.43
N GLY C 123 2.59 -5.98 -29.87
CA GLY C 123 3.56 -5.07 -30.44
C GLY C 123 4.87 -5.76 -30.73
N PRO C 124 5.93 -4.99 -31.05
CA PRO C 124 7.20 -5.60 -31.43
C PRO C 124 7.76 -6.51 -30.34
N LEU C 125 8.39 -7.61 -30.74
CA LEU C 125 9.07 -8.50 -29.81
C LEU C 125 10.56 -8.19 -29.73
N PHE C 126 11.05 -7.94 -28.52
CA PHE C 126 12.48 -7.71 -28.31
C PHE C 126 13.07 -8.80 -27.43
N VAL C 127 14.39 -8.98 -27.52
CA VAL C 127 15.05 -9.98 -26.68
C VAL C 127 16.15 -9.34 -25.84
N CYS C 128 16.27 -9.76 -24.59
CA CYS C 128 17.29 -9.19 -23.70
C CYS C 128 18.16 -10.24 -23.06
N GLU C 129 19.46 -10.13 -23.27
CA GLU C 129 20.42 -11.02 -22.64
C GLU C 129 21.30 -10.28 -21.64
N PHE C 130 21.68 -9.05 -21.99
CA PHE C 130 22.66 -8.30 -21.21
C PHE C 130 22.11 -7.08 -20.50
N ARG C 131 22.69 -6.77 -19.36
CA ARG C 131 22.48 -5.48 -18.75
C ARG C 131 23.66 -4.60 -19.17
N TYR C 132 23.40 -3.30 -19.31
CA TYR C 132 24.41 -2.39 -19.78
C TYR C 132 24.83 -1.39 -18.71
N ASN C 133 26.12 -1.46 -18.33
CA ASN C 133 26.74 -0.55 -17.37
C ASN C 133 27.16 0.73 -18.08
N GLU C 134 26.45 1.82 -17.80
CA GLU C 134 26.67 3.08 -18.51
C GLU C 134 27.97 3.79 -18.13
N SER C 135 28.45 3.55 -16.91
CA SER C 135 29.68 4.21 -16.46
C SER C 135 30.93 3.61 -17.09
N ASP C 136 31.04 2.28 -17.05
CA ASP C 136 32.24 1.60 -17.52
C ASP C 136 32.09 1.05 -18.95
N LYS C 137 30.86 1.06 -19.46
CA LYS C 137 30.57 0.57 -20.81
C LYS C 137 30.75 -0.94 -20.88
N ILE C 138 30.11 -1.64 -19.96
CA ILE C 138 30.27 -3.07 -19.84
C ILE C 138 28.94 -3.79 -20.02
N PHE C 139 29.00 -4.96 -20.65
CA PHE C 139 27.82 -5.79 -20.81
C PHE C 139 27.92 -6.99 -19.88
N ASN C 140 26.98 -7.11 -18.97
CA ASN C 140 26.95 -8.23 -18.04
C ASN C 140 25.70 -9.05 -18.23
N LYS C 141 25.90 -10.33 -18.50
CA LYS C 141 24.78 -11.23 -18.77
C LYS C 141 23.82 -11.26 -17.60
N ILE C 142 22.53 -11.20 -17.89
CA ILE C 142 21.51 -11.30 -16.86
C ILE C 142 21.18 -12.76 -16.67
N ARG C 143 21.42 -13.27 -15.47
CA ARG C 143 21.14 -14.65 -15.15
C ARG C 143 19.94 -14.75 -14.21
N THR C 144 19.64 -13.64 -13.54
CA THR C 144 18.47 -13.57 -12.67
C THR C 144 17.50 -12.50 -13.18
N TRP C 145 16.64 -12.91 -14.11
CA TRP C 145 15.72 -12.01 -14.79
C TRP C 145 14.67 -11.38 -13.87
N LYS C 146 14.07 -12.19 -13.01
CA LYS C 146 12.98 -11.70 -12.15
C LYS C 146 13.42 -10.57 -11.22
N ALA C 147 14.71 -10.47 -10.95
CA ALA C 147 15.24 -9.36 -10.16
C ALA C 147 15.35 -8.07 -10.99
N CYS C 148 15.04 -8.14 -12.28
CA CYS C 148 15.03 -6.96 -13.13
C CYS C 148 13.63 -6.38 -13.24
N LEU C 149 12.64 -7.17 -12.81
CA LEU C 149 11.24 -6.81 -12.99
C LEU C 149 10.65 -6.09 -11.79
N PRO C 150 9.55 -5.35 -11.99
CA PRO C 150 8.86 -4.73 -10.85
C PRO C 150 8.46 -5.79 -9.83
N GLU C 151 8.60 -5.46 -8.55
CA GLU C 151 8.31 -6.40 -7.48
C GLU C 151 6.87 -6.93 -7.55
N GLU C 152 5.98 -6.17 -8.17
CA GLU C 152 4.58 -6.55 -8.27
C GLU C 152 4.35 -7.81 -9.10
N ILE C 153 5.15 -8.02 -10.14
CA ILE C 153 4.98 -9.16 -11.03
C ILE C 153 6.15 -10.14 -10.90
N ARG C 154 7.11 -9.78 -10.06
CA ARG C 154 8.37 -10.50 -9.95
C ARG C 154 8.22 -12.00 -9.76
N ASP C 155 7.06 -12.44 -9.27
CA ASP C 155 6.84 -13.86 -9.01
C ASP C 155 5.60 -14.42 -9.70
N LEU C 156 5.23 -13.81 -10.82
CA LEU C 156 4.15 -14.35 -11.64
C LEU C 156 4.71 -15.38 -12.64
N ASP C 157 4.04 -16.53 -12.75
CA ASP C 157 4.52 -17.61 -13.58
C ASP C 157 4.22 -17.39 -15.06
N GLU C 158 5.28 -17.28 -15.86
CA GLU C 158 5.14 -17.10 -17.30
C GLU C 158 4.85 -18.44 -17.99
N ALA C 159 4.13 -18.37 -19.11
CA ALA C 159 3.85 -19.57 -19.90
C ALA C 159 4.67 -19.58 -21.18
N THR C 160 5.45 -20.63 -21.36
CA THR C 160 6.33 -20.76 -22.51
C THR C 160 6.05 -22.03 -23.30
N ILE C 161 5.87 -21.88 -24.60
CA ILE C 161 5.72 -23.01 -25.50
C ILE C 161 7.09 -23.47 -25.98
N PRO C 162 7.41 -24.75 -25.76
CA PRO C 162 8.71 -25.35 -26.07
C PRO C 162 9.01 -25.45 -27.56
N VAL C 163 10.24 -25.07 -27.91
CA VAL C 163 10.74 -25.20 -29.27
C VAL C 163 12.18 -25.67 -29.18
N ASN C 164 12.49 -26.86 -29.69
CA ASN C 164 13.89 -27.29 -29.65
C ASN C 164 14.61 -27.17 -30.98
N GLY C 165 15.92 -27.03 -30.91
CA GLY C 165 16.74 -26.85 -32.09
C GLY C 165 16.91 -25.40 -32.45
N ARG C 166 16.44 -24.50 -31.59
CA ARG C 166 16.48 -23.08 -31.92
C ARG C 166 17.88 -22.49 -31.84
N LYS C 167 18.33 -21.90 -32.94
CA LYS C 167 19.58 -21.18 -32.98
C LYS C 167 19.30 -19.72 -33.33
N PHE C 168 20.28 -18.86 -33.13
CA PHE C 168 20.10 -17.44 -33.38
C PHE C 168 21.15 -16.90 -34.34
N PHE C 169 20.69 -16.25 -35.40
CA PHE C 169 21.57 -15.42 -36.18
C PHE C 169 21.87 -14.20 -35.34
N LYS C 170 23.11 -13.73 -35.39
CA LYS C 170 23.47 -12.48 -34.74
C LYS C 170 24.10 -11.60 -35.80
N TYR C 171 24.10 -10.30 -35.56
CA TYR C 171 24.43 -9.34 -36.62
C TYR C 171 25.50 -8.37 -36.15
N PRO C 172 26.27 -7.82 -37.10
CA PRO C 172 27.30 -6.83 -36.78
C PRO C 172 26.67 -5.52 -36.26
N SER C 173 27.46 -4.73 -35.55
CA SER C 173 27.00 -3.46 -34.99
C SER C 173 26.41 -2.53 -36.05
N PRO C 174 25.23 -1.95 -35.77
CA PRO C 174 24.61 -0.93 -36.63
C PRO C 174 25.47 0.32 -36.76
N ILE C 175 26.41 0.51 -35.84
CA ILE C 175 27.21 1.72 -35.83
C ILE C 175 28.71 1.44 -35.97
N ARG C 176 29.04 0.27 -36.51
CA ARG C 176 30.44 -0.05 -36.71
C ARG C 176 31.09 0.93 -37.68
N HIS C 177 30.26 1.55 -38.52
CA HIS C 177 30.77 2.53 -39.49
C HIS C 177 31.33 3.75 -38.78
N LEU C 178 31.16 3.82 -37.47
CA LEU C 178 31.60 4.99 -36.71
C LEU C 178 32.97 4.83 -36.06
N LEU C 179 33.66 3.73 -36.36
CA LEU C 179 35.00 3.51 -35.85
C LEU C 179 35.91 4.60 -36.40
N PRO C 180 36.57 5.34 -35.50
CA PRO C 180 37.51 6.37 -35.97
C PRO C 180 38.48 5.79 -37.00
N ALA C 181 38.95 6.62 -37.91
CA ALA C 181 39.88 6.17 -38.94
C ALA C 181 41.22 5.72 -38.35
N ASN C 182 41.61 6.36 -37.23
CA ASN C 182 42.91 6.11 -36.61
C ASN C 182 42.85 5.23 -35.36
N ALA C 183 41.84 4.37 -35.29
CA ALA C 183 41.64 3.52 -34.11
C ALA C 183 42.75 2.46 -33.94
N THR C 184 43.11 2.21 -32.69
CA THR C 184 44.00 1.09 -32.35
C THR C 184 43.30 0.20 -31.33
N PRO C 185 43.85 -1.00 -31.11
CA PRO C 185 43.24 -1.91 -30.13
C PRO C 185 43.54 -1.54 -28.68
N HIS C 186 44.19 -0.39 -28.46
CA HIS C 186 44.43 0.10 -27.11
C HIS C 186 43.93 1.53 -26.90
N ASP C 187 42.92 1.92 -27.66
CA ASP C 187 42.31 3.23 -27.44
C ASP C 187 41.46 3.20 -26.17
N ARG C 188 41.29 4.36 -25.56
CA ARG C 188 40.42 4.47 -24.40
C ARG C 188 38.96 4.28 -24.82
N VAL C 189 38.16 3.73 -23.91
CA VAL C 189 36.73 3.57 -24.17
C VAL C 189 36.13 4.96 -24.40
N PRO C 190 35.49 5.15 -25.57
CA PRO C 190 34.90 6.44 -25.92
C PRO C 190 33.59 6.70 -25.16
N GLU C 191 33.05 7.89 -25.33
CA GLU C 191 31.78 8.25 -24.72
C GLU C 191 30.69 8.32 -25.80
N PRO C 192 29.44 8.09 -25.39
CA PRO C 192 28.34 8.25 -26.35
C PRO C 192 28.02 9.73 -26.55
N THR C 193 27.23 10.03 -27.57
CA THR C 193 26.79 11.39 -27.79
C THR C 193 25.37 11.53 -27.29
N MET C 194 25.17 12.42 -26.33
CA MET C 194 23.85 12.68 -25.82
C MET C 194 23.16 13.70 -26.72
N GLY C 195 21.85 13.55 -26.87
CA GLY C 195 21.05 14.59 -27.49
C GLY C 195 20.21 15.17 -26.38
N SER C 196 18.90 15.07 -26.52
CA SER C 196 18.01 15.42 -25.44
C SER C 196 18.42 14.65 -24.19
N PRO C 197 18.50 15.34 -23.04
CA PRO C 197 18.78 14.70 -21.76
C PRO C 197 17.58 13.89 -21.28
N ASP C 198 16.45 14.05 -21.97
CA ASP C 198 15.23 13.33 -21.65
C ASP C 198 15.08 12.10 -22.51
N ALA C 199 16.18 11.64 -23.09
CA ALA C 199 16.15 10.52 -24.01
C ALA C 199 17.43 9.72 -23.89
N PRO C 200 17.43 8.48 -24.41
CA PRO C 200 18.66 7.68 -24.49
C PRO C 200 19.67 8.44 -25.34
N PRO C 201 20.94 8.01 -25.31
CA PRO C 201 21.96 8.69 -26.11
C PRO C 201 21.51 8.83 -27.56
N LEU C 202 21.78 9.98 -28.17
CA LEU C 202 21.50 10.17 -29.59
C LEU C 202 22.20 9.08 -30.40
N VAL C 203 23.41 8.72 -29.98
CA VAL C 203 24.16 7.65 -30.64
C VAL C 203 25.29 7.16 -29.75
N GLY C 204 25.59 5.86 -29.84
CA GLY C 204 26.67 5.27 -29.08
C GLY C 204 27.99 5.42 -29.80
N ALA C 205 28.99 4.64 -29.41
CA ALA C 205 30.30 4.69 -30.05
C ALA C 205 30.94 3.31 -30.10
N VAL C 206 31.91 3.14 -30.98
CA VAL C 206 32.61 1.86 -31.12
C VAL C 206 34.13 2.01 -30.96
N TYR C 207 34.80 0.95 -30.55
CA TYR C 207 36.24 0.98 -30.34
C TYR C 207 36.86 -0.41 -30.55
N MET C 208 38.17 -0.45 -30.76
CA MET C 208 38.85 -1.71 -31.08
C MET C 208 39.47 -2.38 -29.86
N ARG C 209 39.49 -3.71 -29.87
CA ARG C 209 40.17 -4.49 -28.85
C ARG C 209 40.78 -5.73 -29.48
N PRO C 210 41.78 -6.33 -28.81
CA PRO C 210 42.32 -7.61 -29.26
C PRO C 210 41.23 -8.67 -29.20
N LYS C 211 41.30 -9.66 -30.08
CA LYS C 211 40.29 -10.70 -30.13
C LYS C 211 40.59 -11.79 -29.11
N MET C 212 39.55 -12.52 -28.69
CA MET C 212 39.70 -13.55 -27.69
C MET C 212 39.67 -14.94 -28.31
N GLN C 213 40.24 -15.92 -27.62
CA GLN C 213 40.06 -17.31 -28.03
C GLN C 213 38.70 -17.80 -27.54
N ARG C 214 38.46 -17.68 -26.25
CA ARG C 214 37.20 -18.12 -25.66
C ARG C 214 36.12 -17.05 -25.83
N ASP C 215 34.90 -17.50 -26.11
CA ASP C 215 33.74 -16.60 -26.21
C ASP C 215 32.51 -17.45 -25.94
N ASP C 216 32.29 -17.75 -24.66
CA ASP C 216 31.19 -18.58 -24.21
C ASP C 216 29.81 -18.14 -24.70
N LEU C 217 29.60 -16.84 -24.81
CA LEU C 217 28.26 -16.33 -25.06
C LEU C 217 28.03 -15.92 -26.52
N GLY C 218 29.10 -15.97 -27.31
CA GLY C 218 29.02 -15.54 -28.69
C GLY C 218 28.82 -14.03 -28.84
N GLU C 219 29.63 -13.26 -28.12
CA GLU C 219 29.52 -11.80 -28.13
C GLU C 219 30.25 -11.12 -29.28
N TYR C 220 31.35 -11.71 -29.73
CA TYR C 220 32.24 -11.02 -30.67
C TYR C 220 32.52 -11.79 -31.96
N ALA C 221 32.52 -11.06 -33.07
CA ALA C 221 32.70 -11.67 -34.39
C ALA C 221 34.11 -12.20 -34.64
N THR C 222 35.06 -11.76 -33.82
CA THR C 222 36.46 -12.07 -34.07
C THR C 222 37.01 -13.20 -33.20
N SER C 223 36.16 -13.73 -32.32
CA SER C 223 36.57 -14.76 -31.39
C SER C 223 36.83 -16.09 -32.12
N ASP C 224 37.77 -16.89 -31.61
CA ASP C 224 38.03 -18.20 -32.19
C ASP C 224 36.81 -19.11 -32.02
N ASP C 225 36.26 -19.13 -30.81
CA ASP C 225 35.16 -20.03 -30.49
C ASP C 225 33.81 -19.32 -30.57
N CYS C 226 32.77 -20.13 -30.66
CA CYS C 226 31.40 -19.63 -30.65
C CYS C 226 30.47 -20.75 -30.21
N PRO C 227 29.55 -20.45 -29.29
CA PRO C 227 28.63 -21.50 -28.85
C PRO C 227 27.74 -22.01 -29.98
N ARG C 228 27.30 -23.26 -29.85
CA ARG C 228 26.54 -23.93 -30.90
C ARG C 228 25.19 -23.29 -31.23
N TYR C 229 24.60 -22.56 -30.28
CA TYR C 229 23.28 -22.00 -30.53
C TYR C 229 23.31 -20.65 -31.27
N ILE C 230 24.51 -20.21 -31.64
CA ILE C 230 24.69 -18.92 -32.28
C ILE C 230 25.30 -19.07 -33.66
N ILE C 231 24.73 -18.38 -34.64
CA ILE C 231 25.26 -18.36 -36.00
C ILE C 231 25.80 -16.97 -36.33
N ARG C 232 27.10 -16.87 -36.50
CA ARG C 232 27.73 -15.58 -36.76
C ARG C 232 27.60 -15.27 -38.25
N PRO C 233 27.69 -13.98 -38.62
CA PRO C 233 27.50 -13.55 -40.01
C PRO C 233 28.45 -14.28 -40.98
N ASN C 234 27.99 -14.49 -42.21
CA ASN C 234 28.78 -15.12 -43.27
C ASN C 234 29.11 -16.57 -42.99
N ASP C 235 28.39 -17.18 -42.06
CA ASP C 235 28.63 -18.56 -41.70
C ASP C 235 27.32 -19.31 -41.60
N SER C 236 26.42 -19.03 -42.53
CA SER C 236 25.06 -19.57 -42.49
C SER C 236 25.00 -21.04 -42.90
N PRO C 237 24.05 -21.79 -42.30
CA PRO C 237 23.87 -23.21 -42.58
C PRO C 237 23.15 -23.43 -43.90
N GLU C 238 23.00 -24.68 -44.32
CA GLU C 238 22.41 -25.00 -45.61
C GLU C 238 21.03 -25.65 -45.48
N GLU C 239 20.51 -25.69 -44.25
CA GLU C 239 19.20 -26.27 -44.01
C GLU C 239 18.55 -25.67 -42.77
N GLY C 240 17.23 -25.78 -42.69
CA GLY C 240 16.50 -25.29 -41.53
C GLY C 240 15.46 -24.24 -41.87
N GLN C 241 14.56 -23.98 -40.92
CA GLN C 241 13.51 -22.99 -41.09
C GLN C 241 13.87 -21.68 -40.40
N VAL C 242 13.90 -20.60 -41.18
CA VAL C 242 14.30 -19.28 -40.69
C VAL C 242 13.10 -18.36 -40.52
N ASP C 243 12.89 -17.87 -39.29
CA ASP C 243 11.91 -16.83 -39.05
C ASP C 243 12.54 -15.46 -39.27
N ILE C 244 12.04 -14.73 -40.27
CA ILE C 244 12.69 -13.51 -40.74
C ILE C 244 12.74 -12.38 -39.70
N GLU C 245 11.66 -12.14 -38.97
CA GLU C 245 11.59 -10.99 -38.08
C GLU C 245 12.46 -11.12 -36.82
N THR C 246 12.75 -12.34 -36.42
CA THR C 246 13.47 -12.56 -35.17
C THR C 246 14.89 -13.06 -35.38
N GLY C 247 15.22 -13.40 -36.63
CA GLY C 247 16.54 -13.91 -36.93
C GLY C 247 16.82 -15.22 -36.22
N THR C 248 15.78 -16.04 -36.08
CA THR C 248 15.91 -17.34 -35.45
C THR C 248 15.64 -18.46 -36.44
N ILE C 249 16.17 -19.64 -36.13
CA ILE C 249 16.14 -20.76 -37.07
C ILE C 249 15.96 -22.07 -36.32
N THR C 250 15.24 -23.01 -36.93
CA THR C 250 15.03 -24.33 -36.36
C THR C 250 15.11 -25.43 -37.43
N HIS D 16 3.46 3.81 -3.21
CA HIS D 16 3.96 2.55 -2.70
C HIS D 16 3.86 2.49 -1.18
N MET D 17 3.85 3.65 -0.52
CA MET D 17 3.84 3.72 0.93
C MET D 17 2.89 4.78 1.49
N ASP D 18 2.38 4.53 2.69
CA ASP D 18 1.53 5.50 3.38
C ASP D 18 2.29 6.16 4.53
N GLU D 19 3.52 5.72 4.75
CA GLU D 19 4.28 6.19 5.90
C GLU D 19 5.77 5.90 5.77
N VAL D 20 6.58 6.82 6.29
CA VAL D 20 8.01 6.59 6.41
C VAL D 20 8.47 7.06 7.79
N ILE D 21 9.54 6.47 8.29
CA ILE D 21 10.07 6.82 9.59
C ILE D 21 11.53 7.26 9.51
N VAL D 22 11.84 8.40 10.11
CA VAL D 22 13.20 8.92 10.14
C VAL D 22 13.53 9.44 11.53
N ASN D 23 14.61 8.94 12.11
CA ASN D 23 14.95 9.24 13.49
C ASN D 23 13.74 9.05 14.39
N ASN D 24 13.01 7.97 14.16
CA ASN D 24 11.85 7.61 14.97
C ASN D 24 10.70 8.61 14.90
N ILE D 25 10.66 9.39 13.82
CA ILE D 25 9.53 10.27 13.56
C ILE D 25 8.73 9.80 12.35
N SER D 26 7.42 9.63 12.55
CA SER D 26 6.54 9.10 11.51
C SER D 26 6.09 10.22 10.57
N TYR D 27 6.17 9.98 9.27
CA TYR D 27 5.75 10.97 8.27
C TYR D 27 4.71 10.41 7.31
N HIS D 28 3.75 11.24 6.91
CA HIS D 28 2.68 10.82 6.01
C HIS D 28 2.34 11.89 4.99
N VAL D 29 1.66 11.49 3.92
CA VAL D 29 1.18 12.44 2.93
C VAL D 29 0.31 13.48 3.62
N GLY D 30 0.51 14.75 3.27
CA GLY D 30 -0.23 15.85 3.88
C GLY D 30 0.52 16.48 5.04
N ASP D 31 1.51 15.78 5.56
CA ASP D 31 2.30 16.29 6.68
C ASP D 31 3.16 17.47 6.25
N TRP D 32 3.28 18.45 7.14
CA TRP D 32 4.21 19.56 6.94
C TRP D 32 5.56 19.20 7.55
N ALA D 33 6.62 19.36 6.77
CA ALA D 33 7.92 18.86 7.18
C ALA D 33 9.06 19.83 6.88
N LEU D 34 10.20 19.58 7.52
CA LEU D 34 11.41 20.34 7.27
C LEU D 34 12.41 19.45 6.53
N LEU D 35 12.98 19.98 5.45
CA LEU D 35 13.88 19.20 4.61
C LEU D 35 15.24 19.87 4.57
N ARG D 36 16.29 19.06 4.50
CA ARG D 36 17.64 19.59 4.46
CA ARG D 36 17.64 19.57 4.44
C ARG D 36 17.80 20.57 3.30
N ASN D 37 18.39 21.72 3.59
CA ASN D 37 18.63 22.74 2.58
C ASN D 37 20.11 22.79 2.26
N GLN D 38 20.47 22.39 1.04
CA GLN D 38 21.86 22.33 0.61
C GLN D 38 22.52 23.71 0.59
N ASN D 39 21.71 24.76 0.42
CA ASN D 39 22.23 26.13 0.44
C ASN D 39 22.48 26.71 1.85
N ASP D 40 21.87 26.10 2.87
CA ASP D 40 21.98 26.57 4.25
C ASP D 40 21.45 25.51 5.21
N PRO D 41 22.34 24.66 5.74
CA PRO D 41 21.96 23.48 6.53
C PRO D 41 21.25 23.81 7.85
N GLN D 42 21.24 25.09 8.25
CA GLN D 42 20.57 25.46 9.49
C GLN D 42 19.22 26.14 9.23
N LYS D 43 18.85 26.23 7.95
CA LYS D 43 17.60 26.88 7.56
C LYS D 43 16.85 26.00 6.56
N PRO D 44 16.23 24.92 7.06
CA PRO D 44 15.63 23.87 6.22
C PRO D 44 14.47 24.37 5.36
N ILE D 45 14.18 23.62 4.29
CA ILE D 45 13.06 23.92 3.40
C ILE D 45 11.75 23.55 4.07
N VAL D 46 10.80 24.47 4.05
CA VAL D 46 9.45 24.16 4.52
C VAL D 46 8.67 23.54 3.37
N GLY D 47 8.11 22.36 3.60
CA GLY D 47 7.38 21.67 2.56
C GLY D 47 6.19 20.86 3.05
N GLN D 48 5.36 20.44 2.09
CA GLN D 48 4.26 19.54 2.39
C GLN D 48 4.36 18.29 1.51
N ILE D 49 4.19 17.13 2.13
CA ILE D 49 4.40 15.85 1.46
C ILE D 49 3.22 15.42 0.61
N PHE D 50 3.45 15.30 -0.70
CA PHE D 50 2.40 14.92 -1.64
C PHE D 50 2.40 13.43 -2.02
N ARG D 51 3.56 12.79 -1.93
CA ARG D 51 3.66 11.36 -2.25
C ARG D 51 4.81 10.65 -1.56
N LEU D 52 4.64 9.34 -1.38
CA LEU D 52 5.70 8.48 -0.84
C LEU D 52 5.85 7.23 -1.72
N TRP D 53 7.08 6.78 -1.93
CA TRP D 53 7.32 5.55 -2.68
C TRP D 53 8.71 4.99 -2.43
N LYS D 54 8.85 3.69 -2.71
CA LYS D 54 10.14 3.03 -2.69
C LYS D 54 10.59 2.82 -4.12
N THR D 55 11.88 3.05 -4.40
CA THR D 55 12.43 2.78 -5.71
C THR D 55 12.89 1.31 -5.78
N PRO D 56 13.28 0.84 -6.98
CA PRO D 56 13.75 -0.54 -7.16
C PRO D 56 14.94 -0.90 -6.26
N ASP D 57 15.73 0.10 -5.85
CA ASP D 57 16.90 -0.14 -5.02
C ASP D 57 16.58 -0.14 -3.52
N GLY D 58 15.29 -0.11 -3.19
CA GLY D 58 14.85 -0.20 -1.81
C GLY D 58 14.93 1.12 -1.07
N LYS D 59 15.49 2.14 -1.71
CA LYS D 59 15.54 3.46 -1.10
C LYS D 59 14.16 4.11 -1.08
N GLN D 60 13.89 4.88 -0.03
CA GLN D 60 12.60 5.52 0.15
C GLN D 60 12.60 6.97 -0.33
N TRP D 61 11.52 7.36 -0.98
CA TRP D 61 11.40 8.67 -1.59
C TRP D 61 10.11 9.40 -1.23
N LEU D 62 10.11 10.71 -1.46
CA LEU D 62 8.90 11.51 -1.26
C LEU D 62 8.92 12.69 -2.21
N ASN D 63 7.74 13.25 -2.44
CA ASN D 63 7.58 14.46 -3.21
C ASN D 63 6.93 15.53 -2.33
N ALA D 64 7.51 16.72 -2.30
CA ALA D 64 6.95 17.79 -1.48
C ALA D 64 6.77 19.07 -2.27
N CYS D 65 5.81 19.88 -1.87
CA CYS D 65 5.68 21.22 -2.40
C CYS D 65 6.52 22.17 -1.56
N TRP D 66 7.43 22.88 -2.19
CA TRP D 66 8.29 23.82 -1.48
C TRP D 66 7.59 25.13 -1.11
N TYR D 67 7.83 25.61 0.10
CA TYR D 67 7.40 26.93 0.53
C TYR D 67 8.63 27.78 0.84
N TYR D 68 8.72 28.95 0.23
CA TYR D 68 9.89 29.81 0.41
C TYR D 68 9.76 30.74 1.62
N ARG D 69 10.89 31.06 2.23
CA ARG D 69 10.96 32.11 3.25
C ARG D 69 11.17 33.43 2.53
N PRO D 70 10.85 34.55 3.19
CA PRO D 70 11.03 35.87 2.58
C PRO D 70 12.41 36.07 1.93
N GLU D 71 13.47 35.67 2.62
CA GLU D 71 14.84 35.88 2.12
C GLU D 71 15.14 35.09 0.85
N GLN D 72 14.28 34.12 0.53
CA GLN D 72 14.46 33.33 -0.69
C GLN D 72 13.64 33.84 -1.88
N THR D 73 12.98 34.98 -1.72
CA THR D 73 12.15 35.50 -2.80
C THR D 73 12.62 36.87 -3.31
N VAL D 74 12.11 37.23 -4.48
CA VAL D 74 12.30 38.56 -5.04
C VAL D 74 11.04 39.37 -4.76
N HIS D 75 11.22 40.55 -4.15
CA HIS D 75 10.10 41.40 -3.77
C HIS D 75 10.52 42.86 -3.67
N ARG D 76 9.55 43.75 -3.59
CA ARG D 76 9.82 45.17 -3.36
C ARG D 76 10.54 45.34 -2.03
N VAL D 77 11.45 46.30 -1.99
CA VAL D 77 12.23 46.54 -0.78
C VAL D 77 11.35 46.89 0.44
N ASP D 78 10.17 47.45 0.19
CA ASP D 78 9.31 47.91 1.26
C ASP D 78 8.26 46.88 1.68
N ARG D 79 8.32 45.69 1.10
CA ARG D 79 7.37 44.64 1.45
C ARG D 79 7.54 44.22 2.92
N LEU D 80 6.42 43.93 3.57
CA LEU D 80 6.42 43.52 4.97
C LEU D 80 6.02 42.05 5.10
N PHE D 81 6.61 41.36 6.07
CA PHE D 81 6.35 39.94 6.30
C PHE D 81 5.94 39.65 7.74
N TYR D 82 5.13 38.63 7.94
CA TYR D 82 4.87 38.16 9.30
C TYR D 82 6.12 37.44 9.79
N LYS D 83 6.28 37.32 11.11
CA LYS D 83 7.52 36.84 11.69
C LYS D 83 8.04 35.51 11.13
N ASN D 84 7.16 34.53 11.02
CA ASN D 84 7.50 33.25 10.41
C ASN D 84 6.62 33.00 9.18
N GLU D 85 6.67 33.91 8.22
CA GLU D 85 5.87 33.79 7.02
C GLU D 85 6.59 32.93 5.99
N VAL D 86 5.82 32.07 5.32
CA VAL D 86 6.32 31.36 4.14
C VAL D 86 5.34 31.54 2.97
N MET D 87 5.88 31.47 1.75
CA MET D 87 5.07 31.58 0.54
C MET D 87 5.00 30.24 -0.19
N LYS D 88 3.82 29.85 -0.65
CA LYS D 88 3.70 28.62 -1.45
C LYS D 88 4.27 28.83 -2.85
N THR D 89 5.05 27.86 -3.34
CA THR D 89 5.59 27.97 -4.69
C THR D 89 4.98 26.90 -5.57
N GLY D 90 5.40 26.88 -6.83
CA GLY D 90 4.98 25.84 -7.75
C GLY D 90 6.01 24.73 -7.87
N GLN D 91 6.95 24.67 -6.92
CA GLN D 91 7.98 23.64 -6.91
C GLN D 91 7.49 22.38 -6.21
N TYR D 92 7.34 21.31 -6.96
CA TYR D 92 7.04 20.02 -6.37
C TYR D 92 8.24 19.12 -6.60
N ARG D 93 9.04 18.96 -5.57
CA ARG D 93 10.33 18.30 -5.72
C ARG D 93 10.43 16.92 -5.04
N ASP D 94 11.22 16.05 -5.64
CA ASP D 94 11.47 14.70 -5.11
C ASP D 94 12.64 14.73 -4.14
N HIS D 95 12.51 14.02 -3.03
CA HIS D 95 13.58 13.88 -2.04
C HIS D 95 13.71 12.44 -1.54
N LEU D 96 14.93 12.01 -1.24
CA LEU D 96 15.12 10.81 -0.45
C LEU D 96 14.59 11.13 0.95
N VAL D 97 13.77 10.26 1.52
CA VAL D 97 13.17 10.56 2.82
C VAL D 97 14.22 10.91 3.88
N SER D 98 15.44 10.41 3.70
CA SER D 98 16.51 10.71 4.65
C SER D 98 16.85 12.20 4.69
N ASN D 99 16.26 12.97 3.79
CA ASN D 99 16.44 14.42 3.78
C ASN D 99 15.67 15.12 4.91
N LEU D 100 14.74 14.40 5.54
CA LEU D 100 13.90 14.98 6.58
C LEU D 100 14.69 15.28 7.85
N VAL D 101 14.43 16.46 8.44
CA VAL D 101 15.10 16.83 9.67
C VAL D 101 14.11 17.27 10.74
N GLY D 102 12.84 16.93 10.53
CA GLY D 102 11.82 17.24 11.52
C GLY D 102 10.48 17.68 10.95
N LYS D 103 9.49 17.82 11.84
CA LYS D 103 8.18 18.28 11.43
C LYS D 103 8.00 19.76 11.75
N CYS D 104 6.97 20.35 11.15
CA CYS D 104 6.59 21.72 11.46
C CYS D 104 5.13 21.84 11.10
N TYR D 105 4.61 23.06 11.12
CA TYR D 105 3.23 23.27 10.72
C TYR D 105 3.08 24.62 10.04
N VAL D 106 2.44 24.62 8.88
CA VAL D 106 2.11 25.85 8.18
C VAL D 106 0.61 26.08 8.31
N ILE D 107 0.22 27.26 8.80
CA ILE D 107 -1.19 27.58 8.95
C ILE D 107 -1.61 28.65 7.94
N HIS D 108 -2.80 28.49 7.36
CA HIS D 108 -3.35 29.50 6.47
C HIS D 108 -3.62 30.77 7.27
N PHE D 109 -3.14 31.90 6.76
CA PHE D 109 -3.26 33.17 7.44
C PHE D 109 -4.69 33.52 7.85
N THR D 110 -5.63 33.33 6.92
CA THR D 110 -7.04 33.65 7.14
C THR D 110 -7.64 32.88 8.32
N ARG D 111 -7.14 31.67 8.55
CA ARG D 111 -7.58 30.88 9.70
C ARG D 111 -6.85 31.35 10.95
N TYR D 112 -5.60 31.73 10.78
CA TYR D 112 -4.76 32.23 11.88
C TYR D 112 -5.33 33.52 12.47
N GLN D 113 -5.95 34.35 11.62
CA GLN D 113 -6.55 35.59 12.08
C GLN D 113 -7.61 35.31 13.14
N ARG D 114 -8.39 34.26 12.93
CA ARG D 114 -9.51 33.96 13.80
C ARG D 114 -9.16 33.07 15.01
N GLY D 115 -8.04 32.37 14.95
CA GLY D 115 -7.66 31.54 16.09
C GLY D 115 -6.44 30.65 15.98
N ASN D 116 -6.21 29.86 17.03
CA ASN D 116 -5.07 28.94 17.12
C ASN D 116 -5.43 27.54 16.68
N PRO D 117 -4.51 26.86 15.99
CA PRO D 117 -4.71 25.46 15.57
C PRO D 117 -4.83 24.56 16.79
N ASP D 118 -5.89 23.76 16.83
CA ASP D 118 -6.15 22.92 18.00
C ASP D 118 -5.40 21.59 17.93
N MET D 119 -4.16 21.61 18.39
CA MET D 119 -3.29 20.45 18.30
C MET D 119 -2.00 20.71 19.06
N LYS D 120 -1.24 19.64 19.31
CA LYS D 120 0.11 19.79 19.84
C LYS D 120 1.03 19.93 18.65
N LEU D 121 1.71 21.06 18.55
CA LEU D 121 2.67 21.28 17.48
C LEU D 121 3.89 20.42 17.73
N GLU D 122 4.52 19.92 16.66
CA GLU D 122 5.71 19.09 16.79
C GLU D 122 6.89 19.72 16.07
N GLY D 123 6.93 21.05 16.07
CA GLY D 123 7.97 21.81 15.40
C GLY D 123 7.55 23.25 15.29
N PRO D 124 8.35 24.07 14.58
CA PRO D 124 7.99 25.48 14.45
C PRO D 124 6.68 25.67 13.66
N LEU D 125 5.98 26.75 13.97
CA LEU D 125 4.76 27.12 13.25
C LEU D 125 5.06 28.19 12.22
N PHE D 126 4.61 27.98 10.99
CA PHE D 126 4.73 28.99 9.95
C PHE D 126 3.34 29.44 9.49
N VAL D 127 3.28 30.65 8.94
CA VAL D 127 2.01 31.19 8.46
C VAL D 127 2.08 31.54 6.98
N CYS D 128 1.07 31.15 6.23
CA CYS D 128 1.05 31.39 4.80
C CYS D 128 -0.17 32.20 4.38
N GLU D 129 0.07 33.33 3.72
CA GLU D 129 -1.01 34.12 3.13
C GLU D 129 -0.94 34.12 1.60
N PHE D 130 0.26 34.03 1.05
CA PHE D 130 0.47 34.20 -0.38
C PHE D 130 1.09 32.99 -1.10
N ARG D 131 0.68 32.79 -2.34
CA ARG D 131 1.45 31.96 -3.24
C ARG D 131 2.39 32.88 -4.00
N TYR D 132 3.56 32.35 -4.34
CA TYR D 132 4.58 33.14 -4.98
C TYR D 132 4.81 32.67 -6.42
N ASN D 133 4.62 33.59 -7.35
CA ASN D 133 4.83 33.36 -8.78
C ASN D 133 6.30 33.57 -9.08
N GLU D 134 7.05 32.47 -9.18
CA GLU D 134 8.48 32.51 -9.43
C GLU D 134 8.85 33.17 -10.76
N SER D 135 7.96 33.07 -11.74
CA SER D 135 8.27 33.57 -13.09
C SER D 135 8.17 35.10 -13.19
N ASP D 136 7.05 35.65 -12.73
CA ASP D 136 6.81 37.08 -12.83
C ASP D 136 7.20 37.82 -11.56
N LYS D 137 7.51 37.07 -10.50
CA LYS D 137 7.84 37.64 -9.19
C LYS D 137 6.65 38.40 -8.60
N ILE D 138 5.53 37.71 -8.47
CA ILE D 138 4.30 38.33 -7.99
C ILE D 138 3.71 37.51 -6.86
N PHE D 139 3.24 38.20 -5.82
CA PHE D 139 2.56 37.54 -4.72
C PHE D 139 1.06 37.59 -4.91
N ASN D 140 0.40 36.46 -4.76
CA ASN D 140 -1.06 36.39 -4.86
C ASN D 140 -1.64 35.79 -3.60
N LYS D 141 -2.61 36.48 -3.02
CA LYS D 141 -3.27 36.00 -1.83
C LYS D 141 -4.01 34.69 -2.11
N ILE D 142 -3.73 33.69 -1.27
CA ILE D 142 -4.45 32.42 -1.36
C ILE D 142 -5.79 32.55 -0.66
N ARG D 143 -6.87 32.44 -1.42
CA ARG D 143 -8.21 32.53 -0.86
C ARG D 143 -8.92 31.18 -0.81
N THR D 144 -8.29 30.17 -1.43
CA THR D 144 -8.79 28.79 -1.36
C THR D 144 -7.67 27.84 -0.94
N TRP D 145 -7.47 27.72 0.38
CA TRP D 145 -6.34 26.98 0.93
C TRP D 145 -6.37 25.50 0.55
N LYS D 146 -7.53 24.86 0.71
CA LYS D 146 -7.65 23.43 0.44
C LYS D 146 -7.11 23.05 -0.96
N ALA D 147 -7.33 23.92 -1.94
CA ALA D 147 -6.85 23.63 -3.29
C ALA D 147 -5.33 23.49 -3.35
N CYS D 148 -4.66 24.03 -2.35
CA CYS D 148 -3.20 23.97 -2.30
C CYS D 148 -2.72 22.62 -1.76
N LEU D 149 -3.64 21.87 -1.17
CA LEU D 149 -3.29 20.64 -0.46
C LEU D 149 -3.40 19.41 -1.35
N PRO D 150 -2.70 18.33 -0.96
CA PRO D 150 -2.75 17.05 -1.66
C PRO D 150 -4.18 16.52 -1.69
N GLU D 151 -4.60 15.95 -2.82
CA GLU D 151 -5.97 15.48 -2.98
C GLU D 151 -6.43 14.57 -1.83
N GLU D 152 -5.53 13.76 -1.31
CA GLU D 152 -5.86 12.81 -0.25
C GLU D 152 -6.41 13.49 1.01
N ILE D 153 -6.18 14.80 1.14
CA ILE D 153 -6.61 15.52 2.33
C ILE D 153 -7.32 16.84 2.04
N ARG D 154 -7.68 17.07 0.78
CA ARG D 154 -8.38 18.31 0.40
C ARG D 154 -9.51 18.64 1.36
N ASP D 155 -10.23 17.60 1.81
CA ASP D 155 -11.42 17.80 2.61
C ASP D 155 -11.15 17.49 4.07
N LEU D 156 -9.88 17.57 4.46
CA LEU D 156 -9.49 17.41 5.85
C LEU D 156 -10.26 18.38 6.75
N ASP D 157 -10.60 17.93 7.95
CA ASP D 157 -11.35 18.75 8.89
C ASP D 157 -10.56 18.95 10.18
N GLU D 158 -9.84 20.07 10.26
CA GLU D 158 -9.03 20.36 11.44
C GLU D 158 -9.70 21.33 12.40
N ALA D 159 -9.28 21.29 13.66
CA ALA D 159 -9.89 22.08 14.71
C ALA D 159 -9.15 23.39 14.93
N THR D 160 -9.91 24.46 15.10
CA THR D 160 -9.34 25.77 15.40
C THR D 160 -9.93 26.29 16.71
N ILE D 161 -9.09 26.92 17.53
CA ILE D 161 -9.55 27.54 18.77
C ILE D 161 -9.61 29.05 18.60
N PRO D 162 -10.81 29.62 18.70
CA PRO D 162 -11.04 31.04 18.41
C PRO D 162 -10.28 31.98 19.34
N VAL D 163 -9.74 33.05 18.75
CA VAL D 163 -9.06 34.08 19.52
C VAL D 163 -9.61 35.45 19.11
N ASN D 164 -9.98 36.25 20.10
CA ASN D 164 -10.51 37.59 19.84
C ASN D 164 -9.43 38.65 19.70
N GLY D 165 -9.63 39.59 18.79
CA GLY D 165 -8.80 40.78 18.71
C GLY D 165 -7.38 40.60 18.20
N ARG D 166 -7.08 39.46 17.61
CA ARG D 166 -5.72 39.20 17.14
C ARG D 166 -5.22 40.17 16.05
N LYS D 167 -4.12 40.85 16.35
CA LYS D 167 -3.42 41.65 15.36
C LYS D 167 -2.05 41.03 15.09
N PHE D 168 -1.40 41.49 14.03
CA PHE D 168 -0.11 40.96 13.61
C PHE D 168 0.91 42.09 13.46
N PHE D 169 2.06 41.92 14.09
CA PHE D 169 3.20 42.75 13.77
C PHE D 169 3.74 42.25 12.44
N LYS D 170 4.18 43.16 11.60
CA LYS D 170 4.90 42.77 10.39
C LYS D 170 6.25 43.47 10.34
N TYR D 171 7.22 42.79 9.75
CA TYR D 171 8.62 43.21 9.84
C TYR D 171 9.20 43.50 8.46
N PRO D 172 10.17 44.43 8.40
CA PRO D 172 10.77 44.80 7.11
C PRO D 172 11.47 43.60 6.47
N SER D 173 11.91 43.76 5.23
CA SER D 173 12.57 42.68 4.50
C SER D 173 13.89 42.30 5.16
N PRO D 174 14.11 40.99 5.33
CA PRO D 174 15.39 40.49 5.88
C PRO D 174 16.53 40.68 4.88
N ILE D 175 16.20 41.07 3.65
CA ILE D 175 17.24 41.29 2.66
C ILE D 175 17.16 42.68 2.06
N ARG D 176 16.60 43.62 2.81
CA ARG D 176 16.46 44.99 2.33
C ARG D 176 17.81 45.67 2.16
N HIS D 177 18.85 45.05 2.72
CA HIS D 177 20.18 45.63 2.66
C HIS D 177 20.81 45.32 1.31
N LEU D 178 20.15 44.49 0.51
CA LEU D 178 20.70 44.10 -0.79
C LEU D 178 20.18 44.98 -1.92
N LEU D 179 19.45 46.04 -1.58
CA LEU D 179 18.99 46.99 -2.58
C LEU D 179 20.20 47.69 -3.20
N PRO D 180 20.32 47.62 -4.53
CA PRO D 180 21.44 48.23 -5.24
C PRO D 180 21.60 49.72 -4.89
N ALA D 181 22.84 50.19 -4.87
CA ALA D 181 23.12 51.59 -4.54
C ALA D 181 22.46 52.57 -5.51
N ASN D 182 22.38 52.19 -6.79
CA ASN D 182 21.84 53.06 -7.82
C ASN D 182 20.40 52.72 -8.20
N ALA D 183 19.63 52.19 -7.25
CA ALA D 183 18.25 51.80 -7.51
C ALA D 183 17.32 52.99 -7.82
N THR D 184 16.45 52.81 -8.81
CA THR D 184 15.34 53.74 -9.03
C THR D 184 14.01 52.98 -9.00
N PRO D 185 12.90 53.71 -8.81
CA PRO D 185 11.55 53.14 -8.77
C PRO D 185 11.12 52.51 -10.10
N HIS D 186 11.93 52.64 -11.14
CA HIS D 186 11.58 52.04 -12.43
C HIS D 186 12.57 50.99 -12.93
N ASP D 187 13.29 50.36 -12.00
CA ASP D 187 14.20 49.29 -12.38
C ASP D 187 13.44 48.02 -12.77
N ARG D 188 14.05 47.24 -13.65
CA ARG D 188 13.53 45.93 -14.01
C ARG D 188 13.49 45.02 -12.78
N VAL D 189 12.43 44.24 -12.64
CA VAL D 189 12.35 43.24 -11.60
C VAL D 189 13.55 42.32 -11.73
N PRO D 190 14.28 42.10 -10.63
CA PRO D 190 15.52 41.31 -10.64
C PRO D 190 15.30 39.81 -10.48
N GLU D 191 16.36 39.04 -10.76
CA GLU D 191 16.34 37.59 -10.60
C GLU D 191 16.97 37.22 -9.26
N PRO D 192 16.56 36.07 -8.69
CA PRO D 192 17.18 35.54 -7.48
C PRO D 192 18.54 34.90 -7.81
N THR D 193 19.36 34.70 -6.78
CA THR D 193 20.62 34.01 -6.96
C THR D 193 20.45 32.52 -6.69
N MET D 194 20.78 31.71 -7.69
CA MET D 194 20.70 30.27 -7.54
C MET D 194 21.96 29.73 -6.88
N GLY D 195 21.79 28.72 -6.03
CA GLY D 195 22.92 27.95 -5.56
C GLY D 195 22.75 26.55 -6.10
N SER D 196 22.68 25.57 -5.21
CA SER D 196 22.34 24.22 -5.62
C SER D 196 21.00 24.25 -6.34
N PRO D 197 20.91 23.56 -7.48
CA PRO D 197 19.68 23.50 -8.26
C PRO D 197 18.67 22.58 -7.58
N ASP D 198 19.09 21.93 -6.50
CA ASP D 198 18.22 21.03 -5.75
C ASP D 198 17.85 21.65 -4.41
N ALA D 199 17.93 22.97 -4.36
CA ALA D 199 17.58 23.73 -3.16
C ALA D 199 16.82 24.97 -3.60
N PRO D 200 16.13 25.63 -2.66
CA PRO D 200 15.54 26.94 -2.95
C PRO D 200 16.67 27.91 -3.27
N PRO D 201 16.35 29.06 -3.88
CA PRO D 201 17.41 30.01 -4.24
C PRO D 201 18.32 30.34 -3.04
N LEU D 202 19.61 30.51 -3.29
CA LEU D 202 20.56 30.86 -2.23
C LEU D 202 20.14 32.18 -1.58
N VAL D 203 19.70 33.14 -2.39
CA VAL D 203 19.14 34.38 -1.87
C VAL D 203 18.29 35.06 -2.94
N GLY D 204 17.21 35.71 -2.53
CA GLY D 204 16.33 36.39 -3.46
C GLY D 204 16.88 37.75 -3.82
N ALA D 205 15.99 38.72 -4.02
CA ALA D 205 16.41 40.08 -4.35
C ALA D 205 15.34 41.10 -3.99
N VAL D 206 15.71 42.38 -4.06
CA VAL D 206 14.78 43.45 -3.76
C VAL D 206 14.90 44.56 -4.80
N TYR D 207 13.81 45.31 -4.96
CA TYR D 207 13.75 46.37 -5.96
C TYR D 207 12.72 47.42 -5.56
N MET D 208 12.80 48.58 -6.17
CA MET D 208 12.04 49.74 -5.71
C MET D 208 10.83 50.01 -6.61
N ARG D 209 9.74 50.47 -6.01
CA ARG D 209 8.54 50.85 -6.77
C ARG D 209 7.84 52.03 -6.10
N PRO D 210 7.07 52.80 -6.88
CA PRO D 210 6.28 53.91 -6.32
C PRO D 210 5.38 53.43 -5.18
N LYS D 211 5.19 54.29 -4.18
CA LYS D 211 4.31 53.97 -3.07
C LYS D 211 2.85 53.88 -3.51
N MET D 212 2.05 53.14 -2.74
CA MET D 212 0.62 53.00 -3.03
C MET D 212 -0.22 53.76 -2.01
N GLN D 213 -1.42 54.14 -2.42
CA GLN D 213 -2.36 54.76 -1.51
C GLN D 213 -3.18 53.67 -0.81
N ARG D 214 -3.80 52.81 -1.61
CA ARG D 214 -4.55 51.68 -1.09
C ARG D 214 -3.64 50.48 -0.89
N ASP D 215 -3.86 49.75 0.21
CA ASP D 215 -3.10 48.55 0.51
C ASP D 215 -3.98 47.68 1.42
N ASP D 216 -4.89 46.93 0.79
CA ASP D 216 -5.92 46.17 1.48
C ASP D 216 -5.38 45.09 2.40
N LEU D 217 -4.21 44.55 2.07
CA LEU D 217 -3.70 43.40 2.79
C LEU D 217 -2.51 43.77 3.66
N GLY D 218 -2.10 45.02 3.61
CA GLY D 218 -0.98 45.49 4.41
C GLY D 218 0.33 44.89 3.94
N GLU D 219 0.57 44.96 2.63
CA GLU D 219 1.76 44.37 2.04
C GLU D 219 2.98 45.29 2.08
N TYR D 220 2.77 46.59 2.16
CA TYR D 220 3.89 47.53 1.98
C TYR D 220 4.05 48.57 3.10
N ALA D 221 5.31 48.83 3.44
CA ALA D 221 5.64 49.75 4.52
C ALA D 221 5.36 51.19 4.12
N THR D 222 5.33 51.45 2.82
CA THR D 222 5.23 52.80 2.29
C THR D 222 3.81 53.24 1.94
N SER D 223 2.83 52.35 2.09
CA SER D 223 1.46 52.65 1.70
C SER D 223 0.77 53.64 2.65
N ASP D 224 -0.08 54.50 2.09
CA ASP D 224 -0.90 55.40 2.90
C ASP D 224 -1.71 54.56 3.87
N ASP D 225 -2.45 53.60 3.32
CA ASP D 225 -3.41 52.80 4.09
C ASP D 225 -2.78 51.55 4.67
N CYS D 226 -3.50 50.96 5.62
CA CYS D 226 -3.10 49.71 6.22
C CYS D 226 -4.28 49.15 7.00
N PRO D 227 -4.59 47.88 6.76
CA PRO D 227 -5.68 47.23 7.50
C PRO D 227 -5.43 47.23 9.01
N ARG D 228 -6.51 47.24 9.78
CA ARG D 228 -6.42 47.40 11.24
C ARG D 228 -5.83 46.19 11.97
N TYR D 229 -5.85 45.02 11.35
CA TYR D 229 -5.33 43.82 12.01
C TYR D 229 -3.82 43.69 11.83
N ILE D 230 -3.21 44.68 11.19
CA ILE D 230 -1.77 44.68 10.93
C ILE D 230 -1.07 45.90 11.53
N ILE D 231 -0.02 45.65 12.30
CA ILE D 231 0.78 46.72 12.88
C ILE D 231 2.13 46.77 12.18
N ARG D 232 2.43 47.92 11.58
CA ARG D 232 3.65 48.07 10.81
C ARG D 232 4.81 48.50 11.71
N PRO D 233 6.05 48.36 11.21
CA PRO D 233 7.23 48.71 12.01
C PRO D 233 7.21 50.15 12.50
N ASN D 234 7.53 50.33 13.77
CA ASN D 234 7.66 51.65 14.39
C ASN D 234 6.33 52.34 14.63
N ASP D 235 5.25 51.57 14.56
CA ASP D 235 3.93 52.10 14.84
C ASP D 235 3.22 51.18 15.83
N SER D 236 3.94 50.80 16.88
CA SER D 236 3.43 49.85 17.86
C SER D 236 2.51 50.52 18.88
N PRO D 237 1.58 49.75 19.43
CA PRO D 237 0.66 50.29 20.44
C PRO D 237 1.37 50.49 21.78
N GLU D 238 0.60 50.84 22.80
CA GLU D 238 1.12 51.00 24.14
C GLU D 238 0.30 50.17 25.09
N GLU D 239 -0.52 49.29 24.51
CA GLU D 239 -1.31 48.33 25.28
C GLU D 239 -1.39 47.03 24.50
N GLY D 240 -1.56 45.91 25.21
CA GLY D 240 -1.74 44.62 24.56
C GLY D 240 -0.76 43.54 24.97
N GLN D 241 -1.18 42.29 24.81
CA GLN D 241 -0.32 41.15 25.10
C GLN D 241 0.33 40.64 23.83
N VAL D 242 1.66 40.54 23.86
CA VAL D 242 2.43 40.18 22.68
C VAL D 242 3.07 38.80 22.80
N ASP D 243 2.75 37.91 21.87
CA ASP D 243 3.46 36.64 21.78
C ASP D 243 4.71 36.81 20.93
N ILE D 244 5.86 36.65 21.58
CA ILE D 244 7.15 36.94 20.98
C ILE D 244 7.43 36.09 19.73
N GLU D 245 7.16 34.79 19.82
CA GLU D 245 7.50 33.86 18.75
C GLU D 245 6.71 34.12 17.47
N THR D 246 5.45 34.49 17.60
CA THR D 246 4.57 34.62 16.44
C THR D 246 4.37 36.07 16.01
N GLY D 247 4.88 37.00 16.81
CA GLY D 247 4.71 38.41 16.53
C GLY D 247 3.23 38.76 16.44
N THR D 248 2.44 38.17 17.33
CA THR D 248 1.01 38.43 17.36
C THR D 248 0.62 39.13 18.66
N ILE D 249 -0.42 39.96 18.59
CA ILE D 249 -0.85 40.72 19.76
C ILE D 249 -2.38 40.70 19.90
N THR D 250 -2.86 40.32 21.07
CA THR D 250 -4.29 40.26 21.33
C THR D 250 -4.72 41.24 22.42
#